data_7EZR
#
_entry.id   7EZR
#
_cell.length_a   66.902
_cell.length_b   142.591
_cell.length_c   73.575
_cell.angle_alpha   90.000
_cell.angle_beta   108.657
_cell.angle_gamma   90.000
#
_symmetry.space_group_name_H-M   'P 1 21 1'
#
loop_
_entity.id
_entity.type
_entity.pdbx_description
1 polymer 'Fructose-1,6-bisphosphatase 1'
2 non-polymer '5-ethyl-7-nitro-3-[3-oxidanylidene-3-(thiophen-2-ylsulfonylamino)propyl]-1H-indole-2-carboxylic acid'
3 non-polymer 1,6-di-O-phosphono-beta-D-fructofuranose
#
_entity_poly.entity_id   1
_entity_poly.type   'polypeptide(L)'
_entity_poly.pdbx_seq_one_letter_code
;MADQAPFDTDVNTLTRFVMEEGRKARGTGELTQLLNSLCTAVKAISSAVRKAGIAHLYGIAGSTNVTGDQVKKLDVLSND
LVMNMLKSSFATCVLVSEEDKHAIIVEPEKRGKYVVCFDPLDGSSNIDCLVSVGTIFGIYRKKSTDEPSEKDALQPGRNL
VAAGYALYGSATMLVLAMDCGVNCFMLDPAIGEFILVDKDVKIKKKGKIYSLNEGYARDFDPAVTEYIQRKKFPPDNSAP
YGARYVGSMVADVHRTLVYGGIFLYPANKKSPNGKLRLLYECNPMAYVMEKAGGMATTGKEAVLDVIPTDIHQRAPVILG
SPDDVLEFLKVYEKHSAQ
;
_entity_poly.pdbx_strand_id   A,B,C,D
#
# COMPACT_ATOMS: atom_id res chain seq x y z
N THR A 9 -3.50 -14.38 23.16
CA THR A 9 -2.61 -14.83 22.09
C THR A 9 -3.28 -14.79 20.71
N ASP A 10 -4.42 -15.45 20.60
CA ASP A 10 -5.05 -15.65 19.29
C ASP A 10 -5.47 -14.31 18.67
N VAL A 11 -5.30 -14.22 17.36
CA VAL A 11 -5.45 -12.96 16.63
C VAL A 11 -6.90 -12.47 16.69
N ASN A 12 -7.08 -11.16 16.46
CA ASN A 12 -8.42 -10.61 16.31
C ASN A 12 -8.32 -9.19 15.77
N THR A 13 -9.34 -8.76 15.03
CA THR A 13 -9.37 -7.48 14.34
C THR A 13 -10.41 -6.56 14.94
N LEU A 14 -10.35 -5.28 14.56
CA LEU A 14 -11.34 -4.31 15.01
C LEU A 14 -12.73 -4.64 14.47
N THR A 15 -12.80 -5.13 13.23
CA THR A 15 -14.10 -5.49 12.67
C THR A 15 -14.73 -6.62 13.47
N ARG A 16 -13.95 -7.66 13.75
CA ARG A 16 -14.46 -8.83 14.45
C ARG A 16 -14.73 -8.53 15.92
N PHE A 17 -13.89 -7.69 16.54
CA PHE A 17 -14.12 -7.27 17.91
C PHE A 17 -15.46 -6.56 18.05
N VAL A 18 -15.78 -5.66 17.12
CA VAL A 18 -17.02 -4.89 17.26
C VAL A 18 -18.24 -5.69 16.79
N MET A 19 -18.07 -6.60 15.83
CA MET A 19 -19.16 -7.47 15.44
C MET A 19 -19.22 -8.75 16.26
N GLU A 20 -18.67 -8.72 17.48
CA GLU A 20 -18.78 -9.88 18.35
C GLU A 20 -19.07 -9.41 19.77
N GLU A 21 -18.50 -8.28 20.20
CA GLU A 21 -19.02 -7.60 21.37
C GLU A 21 -20.44 -7.08 21.15
N GLY A 22 -20.81 -6.82 19.90
CA GLY A 22 -22.15 -6.41 19.56
C GLY A 22 -23.03 -7.61 19.26
N ARG A 23 -22.45 -8.64 18.64
CA ARG A 23 -23.13 -9.92 18.51
C ARG A 23 -23.53 -10.44 19.89
N LYS A 24 -22.54 -10.58 20.77
CA LYS A 24 -22.73 -11.16 22.11
C LYS A 24 -23.30 -10.12 23.07
N ALA A 25 -24.43 -9.53 22.67
CA ALA A 25 -25.14 -8.51 23.44
C ALA A 25 -26.36 -8.01 22.69
N ARG A 26 -27.54 -8.55 22.99
CA ARG A 26 -28.78 -8.12 22.35
C ARG A 26 -28.69 -8.28 20.84
N GLY A 27 -28.17 -7.26 20.16
CA GLY A 27 -27.86 -7.38 18.75
C GLY A 27 -28.74 -6.55 17.82
N THR A 28 -28.94 -5.26 18.14
CA THR A 28 -29.62 -4.40 17.18
C THR A 28 -28.74 -4.12 15.97
N GLY A 29 -27.42 -4.16 16.15
CA GLY A 29 -26.48 -4.05 15.04
C GLY A 29 -26.11 -2.65 14.62
N GLU A 30 -26.81 -1.63 15.14
CA GLU A 30 -26.58 -0.26 14.68
C GLU A 30 -25.21 0.25 15.14
N LEU A 31 -24.89 0.06 16.42
CA LEU A 31 -23.59 0.49 16.94
C LEU A 31 -22.45 -0.32 16.32
N THR A 32 -22.66 -1.61 16.13
CA THR A 32 -21.69 -2.42 15.41
C THR A 32 -21.39 -1.82 14.03
N GLN A 33 -22.45 -1.49 13.29
CA GLN A 33 -22.29 -0.93 11.96
C GLN A 33 -21.74 0.49 12.00
N LEU A 34 -22.14 1.26 13.01
CA LEU A 34 -21.61 2.61 13.16
C LEU A 34 -20.10 2.58 13.33
N LEU A 35 -19.63 1.79 14.30
CA LEU A 35 -18.21 1.59 14.49
C LEU A 35 -17.56 0.96 13.26
N ASN A 36 -18.17 -0.09 12.72
CA ASN A 36 -17.72 -0.64 11.45
C ASN A 36 -17.44 0.47 10.44
N SER A 37 -18.45 1.29 10.21
CA SER A 37 -18.35 2.34 9.21
C SER A 37 -17.28 3.33 9.61
N LEU A 38 -17.14 3.58 10.92
CA LEU A 38 -16.25 4.61 11.40
C LEU A 38 -14.79 4.27 11.13
N CYS A 39 -14.41 3.00 11.30
CA CYS A 39 -13.01 2.64 11.02
C CYS A 39 -12.73 2.73 9.52
N THR A 40 -13.72 2.38 8.69
CA THR A 40 -13.54 2.51 7.25
C THR A 40 -13.29 3.97 6.85
N ALA A 41 -13.99 4.90 7.52
CA ALA A 41 -13.71 6.31 7.31
C ALA A 41 -12.27 6.64 7.72
N VAL A 42 -11.88 6.20 8.92
CA VAL A 42 -10.55 6.51 9.43
C VAL A 42 -9.47 5.96 8.51
N LYS A 43 -9.67 4.77 7.97
CA LYS A 43 -8.73 4.19 7.02
C LYS A 43 -8.57 5.09 5.80
N ALA A 44 -9.67 5.70 5.35
CA ALA A 44 -9.60 6.62 4.21
C ALA A 44 -8.93 7.93 4.60
N ILE A 45 -9.24 8.45 5.79
CA ILE A 45 -8.54 9.63 6.29
C ILE A 45 -7.05 9.36 6.40
N SER A 46 -6.69 8.14 6.82
CA SER A 46 -5.28 7.79 6.96
C SER A 46 -4.54 7.90 5.63
N SER A 47 -5.06 7.26 4.59
CA SER A 47 -4.38 7.25 3.29
C SER A 47 -4.24 8.65 2.74
N ALA A 48 -5.24 9.51 2.97
CA ALA A 48 -5.15 10.89 2.49
C ALA A 48 -4.13 11.68 3.32
N VAL A 49 -4.05 11.39 4.62
CA VAL A 49 -3.08 12.09 5.48
C VAL A 49 -1.67 11.62 5.18
N ARG A 50 -1.50 10.33 4.87
CA ARG A 50 -0.21 9.84 4.37
C ARG A 50 0.09 10.33 2.95
N LYS A 51 -0.77 11.17 2.38
CA LYS A 51 -0.56 11.81 1.08
C LYS A 51 -0.35 10.77 -0.03
N ALA A 52 -1.30 9.85 -0.13
CA ALA A 52 -1.22 8.74 -1.07
C ALA A 52 -1.97 9.12 -2.35
N GLY A 53 -1.26 9.77 -3.26
CA GLY A 53 -1.86 10.23 -4.50
C GLY A 53 -1.48 11.66 -4.80
N ILE A 54 -0.57 12.22 -3.99
CA ILE A 54 -0.08 13.57 -4.20
C ILE A 54 0.59 13.71 -5.56
N ALA A 55 1.09 12.60 -6.12
CA ALA A 55 1.75 12.66 -7.42
C ALA A 55 0.76 13.00 -8.53
N HIS A 56 -0.48 12.55 -8.42
CA HIS A 56 -1.47 12.88 -9.44
C HIS A 56 -1.82 14.36 -9.42
N LEU A 57 -1.75 15.00 -8.26
CA LEU A 57 -1.94 16.45 -8.18
C LEU A 57 -0.72 17.24 -8.63
N TYR A 58 0.44 16.59 -8.75
CA TYR A 58 1.66 17.29 -9.11
C TYR A 58 2.15 16.93 -10.51
N GLY A 59 1.36 16.17 -11.26
CA GLY A 59 1.61 15.99 -12.68
C GLY A 59 2.07 14.62 -13.13
N ILE A 60 1.70 13.56 -12.41
CA ILE A 60 2.11 12.23 -12.83
C ILE A 60 1.25 11.75 -13.99
N ALA A 61 -0.04 12.06 -13.96
CA ALA A 61 -0.96 11.69 -15.04
C ALA A 61 -1.12 12.78 -16.08
N GLY A 62 -0.70 14.01 -15.76
CA GLY A 62 -0.73 15.09 -16.72
C GLY A 62 -1.87 16.06 -16.48
N SER A 63 -1.85 17.13 -17.27
CA SER A 63 -2.82 18.21 -17.15
C SER A 63 -4.24 17.75 -17.46
N LYS A 73 -7.52 21.09 2.59
CA LYS A 73 -8.56 20.15 2.19
C LYS A 73 -8.63 18.91 3.09
N LEU A 74 -7.49 18.53 3.69
CA LEU A 74 -7.46 17.32 4.51
C LEU A 74 -8.45 17.40 5.66
N ASP A 75 -8.50 18.55 6.33
CA ASP A 75 -9.50 18.75 7.38
C ASP A 75 -10.91 18.74 6.81
N VAL A 76 -11.09 19.27 5.60
CA VAL A 76 -12.41 19.26 4.97
C VAL A 76 -12.78 17.87 4.51
N LEU A 77 -11.83 17.17 3.88
CA LEU A 77 -12.09 15.84 3.37
C LEU A 77 -12.38 14.85 4.50
N SER A 78 -11.66 14.99 5.62
CA SER A 78 -11.92 14.13 6.77
C SER A 78 -13.35 14.28 7.27
N ASN A 79 -13.80 15.53 7.43
CA ASN A 79 -15.16 15.81 7.86
C ASN A 79 -16.18 15.17 6.92
N ASP A 80 -15.95 15.30 5.61
CA ASP A 80 -16.85 14.70 4.63
C ASP A 80 -16.91 13.19 4.79
N LEU A 81 -15.75 12.55 4.96
CA LEU A 81 -15.70 11.09 5.03
C LEU A 81 -16.46 10.58 6.26
N VAL A 82 -16.20 11.17 7.43
CA VAL A 82 -16.82 10.70 8.66
C VAL A 82 -18.32 10.93 8.64
N MET A 83 -18.73 12.17 8.36
CA MET A 83 -20.13 12.44 8.11
C MET A 83 -20.68 11.46 7.11
N ASN A 84 -20.03 11.29 5.95
CA ASN A 84 -20.75 10.62 4.88
C ASN A 84 -21.14 9.24 5.36
N MET A 85 -20.11 8.56 5.91
CA MET A 85 -20.13 7.18 6.40
C MET A 85 -21.07 7.00 7.60
N LEU A 86 -20.98 7.90 8.58
CA LEU A 86 -21.90 7.85 9.71
C LEU A 86 -23.33 7.94 9.22
N LYS A 87 -23.57 8.82 8.23
CA LYS A 87 -24.89 8.94 7.65
C LYS A 87 -25.32 7.64 7.00
N SER A 88 -24.48 7.07 6.13
CA SER A 88 -24.82 5.83 5.44
C SER A 88 -24.90 4.63 6.37
N SER A 89 -24.43 4.75 7.61
CA SER A 89 -24.46 3.62 8.53
C SER A 89 -25.88 3.27 8.97
N PHE A 90 -26.83 4.19 8.79
CA PHE A 90 -28.22 4.00 9.23
C PHE A 90 -28.29 3.78 10.73
N ALA A 91 -27.43 4.50 11.46
CA ALA A 91 -27.40 4.41 12.92
C ALA A 91 -27.27 5.77 13.60
N THR A 92 -27.13 6.86 12.84
CA THR A 92 -26.92 8.19 13.41
C THR A 92 -28.14 9.06 13.16
N CYS A 93 -28.48 9.90 14.15
CA CYS A 93 -29.55 10.88 14.02
C CYS A 93 -29.07 12.31 14.21
N VAL A 94 -28.06 12.54 15.05
CA VAL A 94 -27.45 13.84 15.23
C VAL A 94 -25.94 13.67 15.10
N LEU A 95 -25.29 14.65 14.47
CA LEU A 95 -23.86 14.58 14.20
C LEU A 95 -23.23 15.94 14.46
N VAL A 96 -22.34 16.02 15.43
CA VAL A 96 -21.66 17.26 15.82
C VAL A 96 -20.19 17.16 15.43
N SER A 97 -19.68 18.19 14.74
CA SER A 97 -18.30 18.21 14.27
C SER A 97 -17.66 19.57 14.53
N GLU A 98 -16.33 19.56 14.70
CA GLU A 98 -15.53 20.78 14.66
C GLU A 98 -15.99 21.71 13.55
N GLU A 99 -16.07 21.17 12.33
CA GLU A 99 -16.26 21.99 11.14
C GLU A 99 -17.68 22.54 11.04
N ASP A 100 -18.68 21.66 11.04
CA ASP A 100 -20.06 22.11 10.91
C ASP A 100 -20.50 22.79 12.19
N LYS A 101 -20.69 24.12 12.11
CA LYS A 101 -21.12 24.92 13.24
C LYS A 101 -22.31 24.33 13.99
N HIS A 102 -23.45 24.25 13.34
CA HIS A 102 -24.62 23.65 13.95
C HIS A 102 -24.57 22.14 13.78
N ALA A 103 -25.39 21.45 14.57
CA ALA A 103 -25.45 20.00 14.47
C ALA A 103 -25.97 19.60 13.08
N ILE A 104 -25.85 18.31 12.77
CA ILE A 104 -26.24 17.77 11.49
C ILE A 104 -27.33 16.74 11.75
N ILE A 105 -28.58 17.09 11.42
CA ILE A 105 -29.72 16.21 11.66
C ILE A 105 -29.87 15.31 10.44
N VAL A 106 -29.66 14.01 10.65
CA VAL A 106 -29.58 13.07 9.53
C VAL A 106 -30.92 12.99 8.80
N GLU A 107 -30.85 12.91 7.49
CA GLU A 107 -32.03 12.74 6.66
C GLU A 107 -32.87 11.58 7.20
N PRO A 108 -34.20 11.72 7.25
CA PRO A 108 -35.05 10.60 7.71
C PRO A 108 -34.58 9.25 7.23
N GLU A 109 -34.45 9.09 5.91
CA GLU A 109 -34.23 7.78 5.30
C GLU A 109 -33.13 7.01 6.02
N LYS A 110 -32.07 7.72 6.43
CA LYS A 110 -30.83 7.12 6.91
C LYS A 110 -30.68 7.20 8.42
N ARG A 111 -31.75 7.49 9.16
CA ARG A 111 -31.61 7.73 10.60
C ARG A 111 -31.48 6.44 11.39
N GLY A 112 -30.74 6.53 12.49
CA GLY A 112 -30.70 5.49 13.51
C GLY A 112 -31.02 6.05 14.87
N LYS A 113 -30.33 5.59 15.92
CA LYS A 113 -30.62 5.99 17.28
C LYS A 113 -29.43 6.57 18.02
N TYR A 114 -28.34 6.90 17.34
CA TYR A 114 -27.11 7.31 17.99
C TYR A 114 -26.71 8.73 17.61
N VAL A 115 -26.19 9.45 18.59
CA VAL A 115 -25.69 10.82 18.44
C VAL A 115 -24.17 10.75 18.51
N VAL A 116 -23.50 11.21 17.45
CA VAL A 116 -22.05 11.08 17.33
C VAL A 116 -21.42 12.47 17.30
N CYS A 117 -20.39 12.66 18.13
CA CYS A 117 -19.66 13.93 18.23
C CYS A 117 -18.20 13.65 17.94
N PHE A 118 -17.64 14.35 16.95
CA PHE A 118 -16.31 13.99 16.47
C PHE A 118 -15.52 15.23 16.06
N ASP A 119 -14.20 15.12 16.22
CA ASP A 119 -13.22 16.07 15.70
C ASP A 119 -12.47 15.37 14.57
N PRO A 120 -12.82 15.63 13.30
CA PRO A 120 -12.35 14.74 12.22
C PRO A 120 -10.85 14.78 11.99
N LEU A 121 -10.19 15.90 12.22
CA LEU A 121 -8.74 15.96 12.14
C LEU A 121 -8.25 16.96 13.18
N ASP A 122 -7.76 16.46 14.30
CA ASP A 122 -7.28 17.28 15.39
C ASP A 122 -5.78 17.50 15.24
N GLY A 123 -5.37 18.77 15.15
CA GLY A 123 -3.98 19.12 14.98
C GLY A 123 -3.62 19.64 13.61
N SER A 124 -4.55 19.60 12.65
CA SER A 124 -4.31 20.09 11.30
C SER A 124 -4.06 21.60 11.24
N SER A 125 -4.14 22.30 12.37
CA SER A 125 -3.63 23.66 12.43
C SER A 125 -2.15 23.70 12.07
N ASN A 126 -1.40 22.67 12.47
CA ASN A 126 0.02 22.55 12.21
C ASN A 126 0.31 21.32 11.37
N ILE A 127 -0.56 21.01 10.41
CA ILE A 127 -0.31 19.86 9.53
C ILE A 127 0.71 20.18 8.46
N ASP A 128 1.00 21.46 8.24
CA ASP A 128 2.01 21.84 7.26
C ASP A 128 3.41 21.46 7.70
N CYS A 129 3.63 21.29 9.01
CA CYS A 129 4.87 20.72 9.53
C CYS A 129 4.78 19.21 9.69
N LEU A 130 3.68 18.60 9.25
CA LEU A 130 3.49 17.15 9.29
C LEU A 130 3.57 16.61 10.73
N VAL A 131 2.86 17.27 11.64
CA VAL A 131 2.82 16.79 13.00
C VAL A 131 1.74 15.72 13.12
N SER A 132 1.78 14.94 14.19
CA SER A 132 0.79 13.89 14.40
C SER A 132 -0.59 14.51 14.56
N VAL A 133 -1.55 14.03 13.77
CA VAL A 133 -2.94 14.45 13.88
C VAL A 133 -3.80 13.23 14.17
N GLY A 134 -5.10 13.43 14.36
CA GLY A 134 -5.95 12.31 14.71
C GLY A 134 -7.42 12.62 14.54
N THR A 135 -8.23 11.59 14.79
CA THR A 135 -9.69 11.67 14.70
C THR A 135 -10.28 11.25 16.04
N ILE A 136 -11.01 12.17 16.67
CA ILE A 136 -11.59 11.94 18.00
C ILE A 136 -13.08 11.75 17.82
N PHE A 137 -13.65 10.72 18.47
CA PHE A 137 -15.07 10.46 18.36
C PHE A 137 -15.64 10.07 19.72
N GLY A 138 -16.95 10.31 19.87
CA GLY A 138 -17.66 9.98 21.09
C GLY A 138 -19.15 9.75 20.85
N ILE A 139 -19.62 8.54 21.10
CA ILE A 139 -20.96 8.12 20.70
C ILE A 139 -21.90 8.16 21.91
N TYR A 140 -22.99 8.90 21.76
CA TYR A 140 -24.12 8.84 22.68
C TYR A 140 -25.31 8.18 21.99
N ARG A 141 -26.22 7.65 22.81
CA ARG A 141 -27.51 7.19 22.36
C ARG A 141 -28.57 8.24 22.66
N LYS A 142 -29.61 8.28 21.84
CA LYS A 142 -30.67 9.28 21.98
C LYS A 142 -31.59 8.89 23.14
N LYS A 143 -31.61 9.72 24.18
CA LYS A 143 -32.53 9.57 25.30
C LYS A 143 -33.92 10.14 25.04
N SER A 144 -34.02 11.26 24.32
CA SER A 144 -35.28 11.97 24.23
C SER A 144 -36.26 11.25 23.30
N THR A 145 -37.53 11.67 23.37
CA THR A 145 -38.57 11.20 22.48
C THR A 145 -38.95 12.21 21.41
N ASP A 146 -38.64 13.48 21.63
CA ASP A 146 -39.01 14.54 20.71
C ASP A 146 -38.05 14.62 19.51
N GLU A 147 -38.60 15.13 18.40
CA GLU A 147 -37.98 15.08 17.08
C GLU A 147 -36.51 15.53 17.16
N PRO A 148 -35.56 14.81 16.53
CA PRO A 148 -34.13 15.06 16.77
C PRO A 148 -33.66 16.51 16.63
N SER A 149 -32.67 16.90 17.43
CA SER A 149 -32.25 18.30 17.49
C SER A 149 -30.84 18.39 18.06
N GLU A 150 -30.25 19.59 17.91
CA GLU A 150 -28.95 19.89 18.52
C GLU A 150 -28.90 19.51 19.99
N LYS A 151 -29.98 19.72 20.71
CA LYS A 151 -29.99 19.52 22.16
C LYS A 151 -29.70 18.07 22.55
N ASP A 152 -29.87 17.12 21.62
CA ASP A 152 -29.59 15.73 21.91
C ASP A 152 -28.11 15.45 22.08
N ALA A 153 -27.24 16.37 21.68
CA ALA A 153 -25.81 16.21 21.88
C ALA A 153 -25.36 16.67 23.26
N LEU A 154 -26.19 17.43 23.97
CA LEU A 154 -25.82 18.00 25.26
C LEU A 154 -25.87 17.01 26.41
N GLN A 155 -25.45 15.74 26.17
CA GLN A 155 -25.42 14.84 27.31
C GLN A 155 -24.07 14.95 28.02
N PRO A 156 -24.02 14.67 29.33
CA PRO A 156 -22.74 14.64 30.02
C PRO A 156 -21.88 13.47 29.56
N GLY A 157 -20.57 13.64 29.71
CA GLY A 157 -19.63 12.61 29.29
C GLY A 157 -19.85 11.26 29.95
N ARG A 158 -20.47 11.25 31.13
CA ARG A 158 -20.83 9.99 31.78
C ARG A 158 -21.60 9.07 30.83
N ASN A 159 -22.46 9.65 30.00
CA ASN A 159 -23.40 8.92 29.16
C ASN A 159 -22.80 8.41 27.86
N LEU A 160 -21.47 8.39 27.73
CA LEU A 160 -20.85 7.93 26.50
C LEU A 160 -21.02 6.43 26.35
N VAL A 161 -21.67 5.99 25.27
CA VAL A 161 -21.76 4.57 24.98
C VAL A 161 -20.39 4.03 24.59
N ALA A 162 -19.69 4.77 23.73
CA ALA A 162 -18.36 4.42 23.27
C ALA A 162 -17.66 5.72 22.88
N ALA A 163 -16.37 5.78 23.14
CA ALA A 163 -15.54 6.89 22.73
C ALA A 163 -14.22 6.33 22.23
N GLY A 164 -13.35 7.21 21.74
CA GLY A 164 -12.05 6.77 21.30
C GLY A 164 -11.43 7.76 20.34
N TYR A 165 -10.31 7.34 19.76
CA TYR A 165 -9.57 8.21 18.85
C TYR A 165 -8.75 7.37 17.89
N ALA A 166 -8.54 7.92 16.69
CA ALA A 166 -7.57 7.41 15.74
C ALA A 166 -6.37 8.34 15.74
N LEU A 167 -5.18 7.76 15.72
CA LEU A 167 -3.93 8.51 15.69
C LEU A 167 -3.25 8.27 14.35
N TYR A 168 -3.01 9.35 13.60
CA TYR A 168 -2.18 9.30 12.41
C TYR A 168 -0.81 9.88 12.78
N GLY A 169 0.04 9.02 13.34
CA GLY A 169 1.37 9.40 13.78
C GLY A 169 2.45 8.69 13.00
N SER A 170 3.44 8.11 13.70
CA SER A 170 4.40 7.26 12.99
C SER A 170 3.74 6.02 12.40
N ALA A 171 2.57 5.65 12.93
CA ALA A 171 1.67 4.70 12.31
C ALA A 171 0.27 5.07 12.75
N THR A 172 -0.73 4.40 12.19
CA THR A 172 -2.11 4.66 12.53
C THR A 172 -2.60 3.69 13.59
N MET A 173 -3.29 4.23 14.59
CA MET A 173 -3.86 3.44 15.69
C MET A 173 -5.23 3.98 16.04
N LEU A 174 -6.20 3.09 16.19
CA LEU A 174 -7.49 3.46 16.76
C LEU A 174 -7.60 2.85 18.15
N VAL A 175 -7.91 3.69 19.13
CA VAL A 175 -8.06 3.28 20.53
C VAL A 175 -9.55 3.37 20.85
N LEU A 176 -10.18 2.22 21.06
CA LEU A 176 -11.62 2.14 21.30
C LEU A 176 -11.88 1.92 22.79
N ALA A 177 -12.77 2.74 23.36
CA ALA A 177 -13.13 2.65 24.76
C ALA A 177 -14.63 2.41 24.88
N MET A 178 -15.00 1.34 25.58
CA MET A 178 -16.39 1.01 25.88
C MET A 178 -16.43 0.46 27.30
N ASP A 179 -17.60 -0.03 27.73
CA ASP A 179 -17.73 -0.60 29.05
C ASP A 179 -16.78 -1.78 29.25
N CYS A 180 -16.45 -2.50 28.19
CA CYS A 180 -15.57 -3.65 28.29
C CYS A 180 -14.10 -3.27 28.41
N GLY A 181 -13.76 -1.99 28.32
CA GLY A 181 -12.40 -1.54 28.52
C GLY A 181 -11.87 -0.79 27.31
N VAL A 182 -10.56 -0.57 27.32
CA VAL A 182 -9.89 0.22 26.29
C VAL A 182 -8.98 -0.72 25.50
N ASN A 183 -9.23 -0.81 24.20
CA ASN A 183 -8.52 -1.74 23.31
C ASN A 183 -7.89 -0.98 22.16
N CYS A 184 -6.62 -1.25 21.90
CA CYS A 184 -5.81 -0.47 20.96
C CYS A 184 -5.52 -1.30 19.71
N PHE A 185 -5.86 -0.74 18.54
CA PHE A 185 -5.74 -1.44 17.26
C PHE A 185 -4.77 -0.69 16.35
N MET A 186 -3.84 -1.43 15.75
CA MET A 186 -2.87 -0.87 14.81
C MET A 186 -3.27 -1.18 13.39
N LEU A 187 -3.35 -0.13 12.56
CA LEU A 187 -3.70 -0.30 11.15
C LEU A 187 -2.52 -0.88 10.39
N ASP A 188 -2.66 -2.13 9.94
CA ASP A 188 -1.72 -2.72 9.00
C ASP A 188 -2.06 -2.21 7.62
N PRO A 189 -1.31 -1.24 7.09
CA PRO A 189 -1.65 -0.70 5.77
C PRO A 189 -1.44 -1.70 4.64
N ALA A 190 -0.73 -2.79 4.91
CA ALA A 190 -0.51 -3.82 3.89
C ALA A 190 -1.80 -4.54 3.53
N ILE A 191 -2.70 -4.73 4.49
CA ILE A 191 -3.94 -5.45 4.25
C ILE A 191 -5.18 -4.57 4.44
N GLY A 192 -5.04 -3.39 5.02
CA GLY A 192 -6.20 -2.54 5.25
C GLY A 192 -7.06 -3.00 6.39
N GLU A 193 -6.46 -3.49 7.47
CA GLU A 193 -7.18 -4.07 8.59
C GLU A 193 -6.55 -3.59 9.89
N PHE A 194 -7.41 -3.13 10.82
CA PHE A 194 -6.97 -2.73 12.15
C PHE A 194 -6.74 -3.98 12.99
N ILE A 195 -5.54 -4.13 13.54
CA ILE A 195 -5.12 -5.34 14.24
C ILE A 195 -5.01 -5.04 15.73
N LEU A 196 -5.58 -5.92 16.56
CA LEU A 196 -5.59 -5.74 18.01
C LEU A 196 -4.22 -6.07 18.58
N VAL A 197 -3.60 -5.10 19.27
CA VAL A 197 -2.22 -5.23 19.70
C VAL A 197 -2.06 -4.90 21.18
N ASP A 198 -3.14 -4.43 21.81
CA ASP A 198 -3.19 -4.23 23.25
C ASP A 198 -4.62 -4.44 23.72
N LYS A 199 -4.81 -5.37 24.65
CA LYS A 199 -6.13 -5.67 25.19
C LYS A 199 -6.30 -4.99 26.54
N ASP A 200 -7.53 -4.51 26.79
CA ASP A 200 -7.96 -3.99 28.09
C ASP A 200 -6.88 -3.16 28.77
N VAL A 201 -6.32 -2.20 28.03
CA VAL A 201 -5.18 -1.46 28.56
C VAL A 201 -5.59 -0.65 29.76
N LYS A 202 -4.64 -0.42 30.65
CA LYS A 202 -4.82 0.44 31.81
C LYS A 202 -3.55 1.27 31.99
N ILE A 203 -3.73 2.49 32.46
CA ILE A 203 -2.63 3.45 32.52
C ILE A 203 -1.77 3.16 33.75
N LYS A 204 -0.52 3.63 33.70
CA LYS A 204 0.35 3.58 34.87
C LYS A 204 -0.26 4.40 36.00
N LYS A 205 0.09 4.06 37.23
CA LYS A 205 -0.46 4.80 38.36
C LYS A 205 0.20 6.17 38.49
N LYS A 206 1.51 6.25 38.23
CA LYS A 206 2.22 7.52 38.25
C LYS A 206 3.27 7.50 37.14
N GLY A 207 3.54 8.68 36.57
CA GLY A 207 4.46 8.75 35.44
C GLY A 207 5.69 9.59 35.68
N LYS A 208 6.37 9.99 34.59
CA LYS A 208 7.51 10.89 34.63
C LYS A 208 7.44 11.94 33.53
N ILE A 209 6.24 12.34 33.11
CA ILE A 209 6.04 13.19 31.94
C ILE A 209 4.90 14.16 32.21
N TYR A 210 5.05 15.41 31.77
CA TYR A 210 4.02 16.42 31.89
C TYR A 210 3.86 17.15 30.57
N SER A 211 2.60 17.40 30.17
CA SER A 211 2.25 17.89 28.84
C SER A 211 1.47 19.19 28.96
N LEU A 212 2.06 20.29 28.50
CA LEU A 212 1.59 21.63 28.81
C LEU A 212 2.20 22.62 27.83
N ASN A 213 1.39 23.54 27.31
CA ASN A 213 1.90 24.66 26.53
C ASN A 213 2.30 25.77 27.49
N GLU A 214 3.60 25.92 27.71
CA GLU A 214 4.05 26.84 28.76
C GLU A 214 4.27 28.26 28.28
N GLY A 215 4.10 28.53 26.98
CA GLY A 215 4.07 29.91 26.53
C GLY A 215 2.99 30.72 27.21
N TYR A 216 1.98 30.05 27.77
CA TYR A 216 0.97 30.67 28.61
C TYR A 216 1.36 30.68 30.09
N ALA A 217 2.66 30.63 30.40
CA ALA A 217 3.10 30.60 31.79
C ALA A 217 2.63 31.83 32.55
N ARG A 218 2.67 33.00 31.90
CA ARG A 218 2.18 34.23 32.51
C ARG A 218 0.74 34.09 33.01
N ASP A 219 -0.08 33.31 32.31
CA ASP A 219 -1.51 33.37 32.46
C ASP A 219 -2.07 32.18 33.24
N PHE A 220 -1.21 31.41 33.88
CA PHE A 220 -1.63 30.20 34.59
C PHE A 220 -2.30 30.49 35.92
N ASP A 221 -3.19 29.58 36.29
CA ASP A 221 -3.69 29.47 37.64
C ASP A 221 -2.52 29.29 38.60
N PRO A 222 -2.57 29.87 39.79
CA PRO A 222 -1.51 29.59 40.77
C PRO A 222 -1.27 28.11 41.00
N ALA A 223 -2.34 27.31 41.00
CA ALA A 223 -2.20 25.88 41.23
C ALA A 223 -1.45 25.20 40.09
N VAL A 224 -1.75 25.59 38.84
CA VAL A 224 -1.02 25.04 37.70
C VAL A 224 0.45 25.43 37.78
N THR A 225 0.73 26.69 38.11
CA THR A 225 2.12 27.13 38.26
C THR A 225 2.87 26.30 39.28
N GLU A 226 2.23 26.02 40.43
CA GLU A 226 2.98 25.43 41.53
C GLU A 226 3.14 23.92 41.32
N TYR A 227 2.18 23.30 40.62
CA TYR A 227 2.33 21.89 40.22
C TYR A 227 3.48 21.71 39.24
N ILE A 228 3.65 22.67 38.32
CA ILE A 228 4.78 22.59 37.38
C ILE A 228 6.10 22.82 38.10
N GLN A 229 6.12 23.76 39.05
CA GLN A 229 7.31 23.94 39.87
C GLN A 229 7.63 22.67 40.64
N ARG A 230 6.59 22.00 41.15
CA ARG A 230 6.77 20.74 41.86
C ARG A 230 7.32 19.65 40.94
N LYS A 231 6.89 19.64 39.67
CA LYS A 231 7.43 18.67 38.71
C LYS A 231 8.84 19.07 38.24
N LYS A 232 9.03 20.34 37.90
CA LYS A 232 10.35 20.80 37.46
C LYS A 232 11.37 20.71 38.58
N PHE A 233 11.02 21.16 39.78
CA PHE A 233 11.91 21.21 40.94
C PHE A 233 11.32 20.29 42.00
N PRO A 234 11.73 19.01 42.03
CA PRO A 234 11.03 18.01 42.87
C PRO A 234 10.99 18.43 44.33
N PRO A 235 9.86 18.22 45.00
CA PRO A 235 9.74 18.50 46.43
C PRO A 235 10.07 17.32 47.33
N ASP A 236 10.32 16.14 46.76
CA ASP A 236 10.64 14.95 47.52
C ASP A 236 12.04 14.43 47.20
N ASN A 237 12.89 15.29 46.64
CA ASN A 237 14.27 14.94 46.36
C ASN A 237 14.37 13.71 45.45
N SER A 238 13.61 13.74 44.37
CA SER A 238 13.60 12.66 43.39
C SER A 238 14.07 13.18 42.04
N ALA A 239 13.51 12.65 40.95
CA ALA A 239 13.93 13.09 39.63
C ALA A 239 12.87 13.98 38.98
N PRO A 240 13.27 15.08 38.35
CA PRO A 240 12.29 15.94 37.68
C PRO A 240 11.61 15.23 36.53
N TYR A 241 10.41 15.69 36.20
CA TYR A 241 9.63 15.13 35.12
C TYR A 241 10.16 15.60 33.78
N GLY A 242 9.61 15.03 32.70
CA GLY A 242 9.97 15.40 31.35
C GLY A 242 8.85 16.17 30.69
N ALA A 243 9.20 17.22 29.96
CA ALA A 243 8.23 17.97 29.18
C ALA A 243 8.04 17.31 27.84
N ARG A 244 6.78 17.13 27.44
CA ARG A 244 6.43 16.57 26.14
C ARG A 244 5.12 17.20 25.70
N TYR A 245 5.18 18.12 24.74
CA TYR A 245 3.99 18.77 24.21
C TYR A 245 4.12 18.84 22.69
N VAL A 246 3.32 18.04 22.00
CA VAL A 246 3.37 17.96 20.55
C VAL A 246 2.59 19.10 19.90
N GLY A 247 1.48 19.50 20.51
CA GLY A 247 0.59 20.47 19.91
C GLY A 247 -0.65 19.87 19.29
N SER A 248 -0.85 18.56 19.43
CA SER A 248 -2.07 17.89 19.01
C SER A 248 -2.50 16.96 20.14
N MET A 249 -3.67 17.25 20.71
CA MET A 249 -4.19 16.48 21.85
C MET A 249 -4.04 14.97 21.67
N VAL A 250 -4.41 14.48 20.48
CA VAL A 250 -4.49 13.04 20.25
C VAL A 250 -3.15 12.37 20.50
N ALA A 251 -2.08 12.98 19.98
CA ALA A 251 -0.75 12.42 20.16
C ALA A 251 -0.32 12.46 21.62
N ASP A 252 -0.48 13.62 22.27
CA ASP A 252 -0.04 13.76 23.66
C ASP A 252 -0.82 12.84 24.58
N VAL A 253 -2.14 12.73 24.36
CA VAL A 253 -2.94 11.83 25.19
C VAL A 253 -2.55 10.38 24.97
N HIS A 254 -2.28 10.00 23.72
CA HIS A 254 -1.88 8.62 23.45
C HIS A 254 -0.56 8.29 24.13
N ARG A 255 0.38 9.22 24.12
CA ARG A 255 1.61 9.05 24.90
C ARG A 255 1.27 8.94 26.38
N THR A 256 0.39 9.82 26.87
CA THR A 256 -0.01 9.80 28.28
C THR A 256 -0.65 8.46 28.64
N LEU A 257 -1.32 7.81 27.69
CA LEU A 257 -1.81 6.45 27.91
C LEU A 257 -0.68 5.45 27.90
N VAL A 258 0.14 5.46 26.84
CA VAL A 258 1.16 4.44 26.65
C VAL A 258 2.25 4.59 27.71
N TYR A 259 2.88 5.75 27.75
CA TYR A 259 4.06 5.94 28.60
C TYR A 259 3.70 6.42 30.00
N GLY A 260 2.47 6.89 30.21
CA GLY A 260 2.06 7.43 31.49
C GLY A 260 2.39 8.91 31.61
N GLY A 261 1.93 9.49 32.73
CA GLY A 261 2.18 10.88 33.02
C GLY A 261 0.87 11.66 33.14
N ILE A 262 0.91 12.92 32.68
CA ILE A 262 -0.21 13.82 32.85
C ILE A 262 -0.25 14.77 31.65
N PHE A 263 -1.46 15.15 31.24
CA PHE A 263 -1.68 16.12 30.18
C PHE A 263 -2.56 17.24 30.70
N LEU A 264 -2.23 18.47 30.31
CA LEU A 264 -2.83 19.65 30.92
C LEU A 264 -3.11 20.65 29.81
N TYR A 265 -4.38 21.08 29.66
CA TYR A 265 -4.64 22.28 28.88
C TYR A 265 -5.50 23.11 29.82
N PRO A 266 -4.89 23.82 30.76
CA PRO A 266 -5.65 24.48 31.82
C PRO A 266 -6.26 25.80 31.36
N ALA A 267 -7.15 26.32 32.21
CA ALA A 267 -7.74 27.62 31.95
C ALA A 267 -6.69 28.72 32.08
N ASN A 268 -6.62 29.61 31.10
CA ASN A 268 -5.72 30.75 31.16
C ASN A 268 -6.52 32.00 31.47
N LYS A 269 -6.10 33.12 30.90
CA LYS A 269 -6.92 34.32 30.83
C LYS A 269 -7.27 34.68 29.39
N LYS A 270 -6.35 34.44 28.45
CA LYS A 270 -6.69 34.44 27.04
C LYS A 270 -7.84 33.48 26.76
N SER A 271 -7.79 32.29 27.36
CA SER A 271 -8.89 31.34 27.33
C SER A 271 -9.35 31.06 28.75
N PRO A 272 -10.40 31.72 29.24
CA PRO A 272 -10.85 31.49 30.62
C PRO A 272 -11.47 30.13 30.86
N ASN A 273 -11.76 29.37 29.80
CA ASN A 273 -12.41 28.07 29.91
C ASN A 273 -11.61 27.01 29.16
N GLY A 274 -10.30 27.18 29.07
CA GLY A 274 -9.50 26.35 28.20
C GLY A 274 -9.87 26.58 26.74
N LYS A 275 -9.24 25.79 25.88
CA LYS A 275 -9.51 25.83 24.44
C LYS A 275 -10.18 24.57 23.92
N LEU A 276 -9.76 23.41 24.41
CA LEU A 276 -10.27 22.13 23.91
C LEU A 276 -11.77 22.02 24.16
N ARG A 277 -12.50 21.64 23.12
CA ARG A 277 -13.95 21.55 23.23
C ARG A 277 -14.36 20.35 24.07
N LEU A 278 -15.46 20.51 24.81
CA LEU A 278 -15.95 19.44 25.67
C LEU A 278 -16.44 18.25 24.87
N LEU A 279 -17.43 18.46 24.00
CA LEU A 279 -18.24 17.36 23.50
C LEU A 279 -17.42 16.39 22.66
N TYR A 280 -16.50 16.89 21.85
CA TYR A 280 -15.79 16.05 20.90
C TYR A 280 -14.28 16.07 21.07
N GLU A 281 -13.75 16.74 22.09
CA GLU A 281 -12.33 16.64 22.44
C GLU A 281 -12.14 16.17 23.87
N CYS A 282 -12.61 16.93 24.85
CA CYS A 282 -12.36 16.60 26.26
C CYS A 282 -13.06 15.29 26.65
N ASN A 283 -14.39 15.27 26.55
CA ASN A 283 -15.16 14.10 26.98
C ASN A 283 -14.66 12.79 26.41
N PRO A 284 -14.45 12.65 25.08
CA PRO A 284 -13.96 11.35 24.57
C PRO A 284 -12.65 10.92 25.20
N MET A 285 -11.71 11.84 25.39
CA MET A 285 -10.42 11.48 25.99
C MET A 285 -10.59 11.17 27.47
N ALA A 286 -11.47 11.89 28.16
CA ALA A 286 -11.72 11.59 29.56
C ALA A 286 -12.31 10.21 29.74
N TYR A 287 -13.23 9.82 28.86
CA TYR A 287 -13.81 8.48 28.91
C TYR A 287 -12.75 7.41 28.70
N VAL A 288 -11.85 7.61 27.73
CA VAL A 288 -10.78 6.65 27.50
C VAL A 288 -9.91 6.54 28.75
N MET A 289 -9.60 7.68 29.38
CA MET A 289 -8.77 7.67 30.57
C MET A 289 -9.40 6.87 31.71
N GLU A 290 -10.66 7.17 32.05
CA GLU A 290 -11.27 6.44 33.18
C GLU A 290 -11.46 4.97 32.85
N LYS A 291 -11.86 4.65 31.62
CA LYS A 291 -12.04 3.23 31.29
C LYS A 291 -10.72 2.46 31.34
N ALA A 292 -9.59 3.16 31.54
CA ALA A 292 -8.27 2.54 31.56
C ALA A 292 -7.51 2.86 32.85
N GLY A 293 -8.23 2.96 33.97
CA GLY A 293 -7.58 3.16 35.26
C GLY A 293 -6.96 4.51 35.49
N GLY A 294 -7.22 5.48 34.62
CA GLY A 294 -6.78 6.84 34.82
C GLY A 294 -7.91 7.75 35.24
N MET A 295 -7.63 9.05 35.24
CA MET A 295 -8.66 10.01 35.61
C MET A 295 -8.42 11.33 34.91
N ALA A 296 -9.50 12.08 34.74
CA ALA A 296 -9.49 13.39 34.09
C ALA A 296 -10.44 14.31 34.86
N THR A 297 -10.00 15.54 35.07
CA THR A 297 -10.80 16.51 35.82
C THR A 297 -10.69 17.88 35.16
N THR A 298 -11.69 18.72 35.43
CA THR A 298 -11.66 20.12 35.04
C THR A 298 -11.07 21.00 36.13
N GLY A 299 -10.53 20.40 37.19
CA GLY A 299 -10.10 21.14 38.36
C GLY A 299 -11.17 21.13 39.43
N LYS A 300 -12.35 21.63 39.09
CA LYS A 300 -13.46 21.75 40.03
C LYS A 300 -14.45 20.61 39.94
N GLU A 301 -14.69 20.10 38.73
CA GLU A 301 -15.62 19.01 38.49
C GLU A 301 -14.97 18.05 37.51
N ALA A 302 -15.49 16.82 37.48
CA ALA A 302 -14.95 15.81 36.58
C ALA A 302 -15.46 16.06 35.17
N VAL A 303 -14.56 15.89 34.18
CA VAL A 303 -14.89 16.21 32.79
C VAL A 303 -16.16 15.49 32.36
N LEU A 304 -16.29 14.22 32.71
CA LEU A 304 -17.45 13.45 32.30
C LEU A 304 -18.73 13.95 32.97
N ASP A 305 -18.62 14.59 34.13
CA ASP A 305 -19.77 15.07 34.87
C ASP A 305 -20.19 16.48 34.46
N VAL A 306 -19.53 17.08 33.48
CA VAL A 306 -19.88 18.42 33.03
C VAL A 306 -21.03 18.33 32.05
N ILE A 307 -22.10 19.08 32.33
CA ILE A 307 -23.30 19.07 31.51
C ILE A 307 -23.17 20.17 30.46
N PRO A 308 -23.23 19.85 29.17
CA PRO A 308 -23.03 20.89 28.14
C PRO A 308 -24.22 21.81 28.02
N THR A 309 -23.92 23.08 27.76
CA THR A 309 -24.92 24.07 27.37
C THR A 309 -24.82 24.48 25.91
N ASP A 310 -23.64 24.36 25.32
CA ASP A 310 -23.43 24.53 23.89
C ASP A 310 -22.59 23.37 23.40
N ILE A 311 -22.70 23.07 22.10
CA ILE A 311 -21.99 21.91 21.56
C ILE A 311 -20.52 22.24 21.29
N HIS A 312 -20.21 23.51 21.01
CA HIS A 312 -18.84 23.98 20.87
C HIS A 312 -18.31 24.62 22.15
N GLN A 313 -18.62 24.01 23.28
CA GLN A 313 -18.32 24.55 24.60
C GLN A 313 -16.89 24.16 24.99
N ARG A 314 -16.08 25.17 25.30
CA ARG A 314 -14.70 24.92 25.70
C ARG A 314 -14.62 24.47 27.15
N ALA A 315 -13.57 23.71 27.47
CA ALA A 315 -13.41 23.18 28.82
C ALA A 315 -11.94 23.06 29.19
N PRO A 316 -11.58 23.37 30.44
CA PRO A 316 -10.26 22.99 30.92
C PRO A 316 -10.22 21.49 31.22
N VAL A 317 -9.04 20.90 31.05
CA VAL A 317 -8.92 19.44 31.15
C VAL A 317 -7.52 19.08 31.63
N ILE A 318 -7.47 18.27 32.68
CA ILE A 318 -6.23 17.72 33.22
C ILE A 318 -6.45 16.22 33.36
N LEU A 319 -5.89 15.44 32.44
CA LEU A 319 -6.08 14.00 32.39
C LEU A 319 -4.73 13.29 32.54
N GLY A 320 -4.79 12.00 32.87
CA GLY A 320 -3.58 11.22 32.96
C GLY A 320 -3.54 10.21 34.09
N SER A 321 -2.32 9.89 34.54
CA SER A 321 -2.14 8.85 35.54
C SER A 321 -2.75 9.28 36.88
N PRO A 322 -3.38 8.36 37.62
CA PRO A 322 -4.08 8.73 38.86
C PRO A 322 -3.18 9.35 39.90
N ASP A 323 -2.08 8.68 40.28
CA ASP A 323 -1.19 9.27 41.26
C ASP A 323 -0.60 10.60 40.79
N ASP A 324 -0.78 10.99 39.53
CA ASP A 324 -0.33 12.33 39.25
C ASP A 324 -1.47 13.34 39.30
N VAL A 325 -2.58 13.03 38.61
CA VAL A 325 -3.72 13.94 38.58
C VAL A 325 -4.20 14.22 40.00
N LEU A 326 -4.12 13.20 40.87
CA LEU A 326 -4.45 13.38 42.27
C LEU A 326 -3.47 14.34 42.94
N GLU A 327 -2.18 14.23 42.62
CA GLU A 327 -1.19 15.18 43.12
C GLU A 327 -1.53 16.60 42.70
N PHE A 328 -1.85 16.79 41.40
CA PHE A 328 -2.38 18.07 40.95
C PHE A 328 -3.57 18.50 41.79
N LEU A 329 -4.56 17.61 41.94
CA LEU A 329 -5.81 17.98 42.59
C LEU A 329 -5.59 18.45 44.01
N LYS A 330 -4.61 17.85 44.71
CA LYS A 330 -4.28 18.31 46.05
C LYS A 330 -3.79 19.75 46.02
N VAL A 331 -2.95 20.10 45.05
CA VAL A 331 -2.48 21.47 44.92
C VAL A 331 -3.64 22.39 44.52
N TYR A 332 -4.66 21.85 43.86
CA TYR A 332 -5.84 22.65 43.52
C TYR A 332 -6.64 23.00 44.77
N GLU A 333 -6.77 22.05 45.71
CA GLU A 333 -7.36 22.34 47.01
C GLU A 333 -6.65 23.52 47.66
N LYS A 334 -5.31 23.46 47.69
CA LYS A 334 -4.51 24.44 48.41
C LYS A 334 -4.65 25.84 47.83
N HIS A 335 -4.88 25.96 46.52
CA HIS A 335 -5.03 27.24 45.85
C HIS A 335 -6.48 27.51 45.44
N SER A 336 -7.41 27.24 46.35
CA SER A 336 -8.83 27.56 46.14
C SER A 336 -9.56 27.61 47.47
N ALA A 337 -10.87 27.87 47.41
N ASP B 10 4.42 19.54 -14.26
CA ASP B 10 5.43 18.81 -15.01
C ASP B 10 6.23 18.09 -13.91
N VAL B 11 5.85 16.85 -13.60
CA VAL B 11 6.13 16.28 -12.29
C VAL B 11 7.63 16.12 -12.13
N ASN B 12 8.10 16.27 -10.89
CA ASN B 12 9.54 16.42 -10.66
C ASN B 12 9.87 15.62 -9.41
N THR B 13 10.28 14.38 -9.62
CA THR B 13 10.58 13.41 -8.57
C THR B 13 12.01 13.58 -8.07
N LEU B 14 12.26 13.08 -6.87
CA LEU B 14 13.62 13.12 -6.33
C LEU B 14 14.61 12.47 -7.29
N THR B 15 14.32 11.23 -7.70
CA THR B 15 15.15 10.53 -8.67
C THR B 15 15.37 11.35 -9.95
N ARG B 16 14.41 12.19 -10.34
CA ARG B 16 14.64 13.06 -11.49
C ARG B 16 15.42 14.31 -11.09
N PHE B 17 14.97 14.98 -10.03
CA PHE B 17 15.71 16.09 -9.44
C PHE B 17 17.19 15.74 -9.22
N VAL B 18 17.45 14.55 -8.68
CA VAL B 18 18.78 14.25 -8.15
C VAL B 18 19.80 14.06 -9.26
N MET B 19 19.36 13.69 -10.46
CA MET B 19 20.28 13.54 -11.59
C MET B 19 20.25 14.72 -12.55
N GLU B 20 19.34 15.68 -12.39
CA GLU B 20 19.55 16.94 -13.07
C GLU B 20 20.41 17.89 -12.26
N GLU B 21 20.17 17.99 -10.94
CA GLU B 21 21.07 18.77 -10.10
C GLU B 21 22.48 18.21 -10.14
N GLY B 22 22.63 16.89 -10.30
CA GLY B 22 23.94 16.31 -10.44
C GLY B 22 24.57 16.62 -11.79
N ARG B 23 23.78 16.52 -12.86
CA ARG B 23 24.29 16.87 -14.18
C ARG B 23 24.61 18.36 -14.27
N LYS B 24 23.79 19.19 -13.61
CA LYS B 24 24.00 20.64 -13.47
C LYS B 24 25.14 20.98 -12.53
N ALA B 25 25.89 19.98 -12.08
CA ALA B 25 27.05 20.22 -11.22
C ALA B 25 28.25 19.39 -11.66
N ARG B 26 28.27 18.93 -12.91
CA ARG B 26 29.38 18.14 -13.44
C ARG B 26 29.53 16.87 -12.59
N GLY B 27 30.70 16.25 -12.60
CA GLY B 27 30.98 15.18 -11.67
C GLY B 27 30.45 13.83 -12.11
N THR B 28 30.81 12.82 -11.31
CA THR B 28 30.80 11.43 -11.77
C THR B 28 29.38 10.90 -11.92
N GLY B 29 28.54 11.10 -10.91
CA GLY B 29 27.28 10.41 -10.78
C GLY B 29 27.17 9.56 -9.53
N GLU B 30 28.22 9.54 -8.70
CA GLU B 30 28.22 8.70 -7.51
C GLU B 30 27.20 9.20 -6.49
N LEU B 31 27.20 10.50 -6.21
CA LEU B 31 26.32 11.05 -5.18
C LEU B 31 24.86 10.87 -5.55
N THR B 32 24.52 10.98 -6.84
CA THR B 32 23.17 10.69 -7.30
C THR B 32 22.76 9.28 -6.87
N GLN B 33 23.61 8.30 -7.20
CA GLN B 33 23.35 6.90 -6.86
C GLN B 33 23.47 6.63 -5.36
N LEU B 34 24.17 7.48 -4.62
CA LEU B 34 24.10 7.43 -3.16
C LEU B 34 22.71 7.84 -2.68
N LEU B 35 22.25 9.02 -3.12
CA LEU B 35 20.96 9.54 -2.69
C LEU B 35 19.82 8.70 -3.21
N ASN B 36 20.02 8.03 -4.35
CA ASN B 36 19.02 7.06 -4.82
C ASN B 36 18.93 5.88 -3.87
N SER B 37 20.06 5.25 -3.55
CA SER B 37 20.05 4.13 -2.61
C SER B 37 19.51 4.56 -1.25
N LEU B 38 19.93 5.74 -0.79
CA LEU B 38 19.51 6.21 0.52
C LEU B 38 17.99 6.38 0.60
N CYS B 39 17.39 7.00 -0.42
CA CYS B 39 15.95 7.22 -0.37
C CYS B 39 15.17 5.92 -0.57
N THR B 40 15.73 4.98 -1.33
CA THR B 40 15.12 3.64 -1.40
C THR B 40 15.06 3.00 -0.02
N ALA B 41 16.11 3.16 0.78
CA ALA B 41 16.08 2.69 2.16
C ALA B 41 15.07 3.49 2.99
N VAL B 42 14.97 4.79 2.74
CA VAL B 42 13.99 5.62 3.43
C VAL B 42 12.57 5.17 3.10
N LYS B 43 12.33 4.72 1.86
CA LYS B 43 11.03 4.18 1.51
C LYS B 43 10.74 2.90 2.29
N ALA B 44 11.76 2.06 2.50
CA ALA B 44 11.54 0.81 3.21
C ALA B 44 11.46 1.01 4.71
N ILE B 45 12.11 2.04 5.25
CA ILE B 45 11.91 2.38 6.66
C ILE B 45 10.47 2.80 6.89
N SER B 46 9.96 3.70 6.03
CA SER B 46 8.56 4.11 6.06
C SER B 46 7.62 2.91 6.17
N SER B 47 7.78 1.94 5.28
CA SER B 47 6.91 0.77 5.27
C SER B 47 6.90 0.08 6.62
N ALA B 48 8.07 -0.11 7.22
CA ALA B 48 8.14 -0.78 8.51
C ALA B 48 7.62 0.11 9.63
N VAL B 49 7.86 1.42 9.54
CA VAL B 49 7.44 2.33 10.61
C VAL B 49 5.92 2.50 10.60
N ARG B 50 5.31 2.51 9.43
CA ARG B 50 3.85 2.52 9.36
C ARG B 50 3.26 1.16 9.74
N LYS B 51 4.11 0.18 10.05
CA LYS B 51 3.72 -1.12 10.62
C LYS B 51 3.00 -2.00 9.60
N ALA B 52 3.53 -2.05 8.37
CA ALA B 52 3.00 -2.94 7.36
C ALA B 52 3.52 -4.35 7.58
N GLY B 53 2.61 -5.31 7.62
CA GLY B 53 2.94 -6.67 7.98
C GLY B 53 2.84 -6.97 9.46
N ILE B 54 2.44 -5.99 10.27
CA ILE B 54 2.25 -6.17 11.70
C ILE B 54 1.35 -7.36 12.01
N ALA B 55 0.38 -7.63 11.15
CA ALA B 55 -0.58 -8.70 11.42
C ALA B 55 0.09 -10.08 11.41
N HIS B 56 1.15 -10.25 10.60
CA HIS B 56 1.86 -11.51 10.59
C HIS B 56 2.59 -11.75 11.91
N LEU B 57 3.14 -10.69 12.51
CA LEU B 57 3.74 -10.83 13.84
C LEU B 57 2.68 -11.25 14.86
N TYR B 58 1.56 -10.52 14.90
CA TYR B 58 0.50 -10.77 15.85
C TYR B 58 -0.41 -11.93 15.44
N GLY B 59 0.08 -12.83 14.58
CA GLY B 59 -0.55 -14.12 14.38
C GLY B 59 -1.71 -14.18 13.43
N ILE B 60 -1.61 -13.52 12.27
CA ILE B 60 -2.70 -13.63 11.30
C ILE B 60 -2.66 -14.99 10.59
N ALA B 61 -1.49 -15.59 10.47
CA ALA B 61 -1.34 -16.95 9.98
C ALA B 61 -0.95 -17.92 11.08
N GLY B 62 -0.86 -17.45 12.31
CA GLY B 62 -0.20 -18.15 13.39
C GLY B 62 1.12 -17.50 13.75
N SER B 63 1.67 -17.94 14.87
CA SER B 63 2.96 -17.43 15.37
C SER B 63 3.00 -15.91 15.43
N LYS B 73 13.06 -3.51 17.45
CA LYS B 73 13.77 -4.09 16.31
C LYS B 73 13.88 -3.06 15.17
N LEU B 74 13.02 -2.03 15.19
CA LEU B 74 13.05 -1.02 14.14
C LEU B 74 14.38 -0.27 14.06
N ASP B 75 14.91 0.19 15.20
CA ASP B 75 16.25 0.79 15.18
C ASP B 75 17.21 -0.03 14.34
N VAL B 76 17.27 -1.34 14.62
CA VAL B 76 18.22 -2.21 13.94
C VAL B 76 17.85 -2.35 12.46
N LEU B 77 16.57 -2.61 12.18
CA LEU B 77 16.10 -2.69 10.81
C LEU B 77 16.44 -1.42 10.03
N SER B 78 16.12 -0.25 10.60
CA SER B 78 16.39 1.01 9.91
C SER B 78 17.88 1.17 9.61
N ASN B 79 18.73 0.77 10.56
CA ASN B 79 20.17 0.89 10.35
C ASN B 79 20.66 -0.10 9.29
N ASP B 80 20.10 -1.31 9.30
CA ASP B 80 20.47 -2.30 8.29
C ASP B 80 20.06 -1.84 6.90
N LEU B 81 18.85 -1.29 6.77
CA LEU B 81 18.37 -0.79 5.48
C LEU B 81 19.31 0.28 4.92
N VAL B 82 19.59 1.31 5.72
CA VAL B 82 20.51 2.36 5.29
C VAL B 82 21.87 1.77 4.94
N MET B 83 22.42 0.95 5.83
CA MET B 83 23.77 0.40 5.66
C MET B 83 23.88 -0.41 4.36
N ASN B 84 23.01 -1.40 4.20
CA ASN B 84 23.07 -2.25 3.01
C ASN B 84 22.90 -1.44 1.74
N MET B 85 22.08 -0.40 1.77
CA MET B 85 21.84 0.39 0.57
C MET B 85 23.04 1.27 0.25
N LEU B 86 23.62 1.92 1.26
CA LEU B 86 24.78 2.76 1.01
C LEU B 86 26.01 1.92 0.67
N LYS B 87 26.14 0.76 1.30
CA LYS B 87 27.22 -0.17 0.93
C LYS B 87 27.10 -0.58 -0.54
N SER B 88 25.90 -0.98 -0.95
CA SER B 88 25.67 -1.44 -2.31
C SER B 88 25.74 -0.32 -3.34
N SER B 89 25.75 0.95 -2.91
CA SER B 89 25.67 2.05 -3.85
C SER B 89 27.00 2.28 -4.58
N PHE B 90 28.10 1.70 -4.09
CA PHE B 90 29.42 1.95 -4.64
C PHE B 90 29.74 3.44 -4.61
N ALA B 91 29.38 4.09 -3.49
CA ALA B 91 29.61 5.51 -3.31
C ALA B 91 30.02 5.85 -1.89
N THR B 92 30.35 4.85 -1.07
CA THR B 92 30.70 5.05 0.33
C THR B 92 32.02 4.36 0.63
N CYS B 93 32.88 5.05 1.40
CA CYS B 93 34.10 4.47 1.94
C CYS B 93 34.06 4.34 3.45
N VAL B 94 33.47 5.33 4.14
CA VAL B 94 33.33 5.34 5.58
C VAL B 94 31.86 5.55 5.90
N LEU B 95 31.36 4.84 6.91
CA LEU B 95 29.94 4.92 7.26
C LEU B 95 29.80 5.00 8.77
N VAL B 96 29.23 6.09 9.26
CA VAL B 96 29.09 6.35 10.69
C VAL B 96 27.61 6.42 11.04
N SER B 97 27.24 5.75 12.14
CA SER B 97 25.86 5.62 12.56
C SER B 97 25.78 5.77 14.08
N GLU B 98 24.60 6.14 14.57
CA GLU B 98 24.30 5.94 15.99
C GLU B 98 24.54 4.51 16.40
N GLU B 99 24.08 3.56 15.60
CA GLU B 99 23.88 2.20 16.06
C GLU B 99 25.16 1.38 15.99
N ASP B 100 26.30 2.05 15.80
CA ASP B 100 27.60 1.41 15.61
C ASP B 100 28.64 2.24 16.36
N LYS B 101 29.29 1.63 17.36
CA LYS B 101 30.23 2.39 18.17
C LYS B 101 31.43 2.86 17.35
N HIS B 102 31.92 2.01 16.45
CA HIS B 102 33.04 2.33 15.59
C HIS B 102 32.55 2.71 14.20
N ALA B 103 33.48 3.16 13.37
CA ALA B 103 33.12 3.46 11.99
C ALA B 103 33.05 2.18 11.16
N ILE B 104 32.42 2.28 10.00
CA ILE B 104 32.31 1.17 9.08
C ILE B 104 33.15 1.51 7.85
N ILE B 105 34.31 0.89 7.74
CA ILE B 105 35.15 1.01 6.55
C ILE B 105 34.56 0.09 5.49
N VAL B 106 33.92 0.68 4.48
CA VAL B 106 33.26 -0.10 3.45
C VAL B 106 34.28 -1.00 2.75
N GLU B 107 33.89 -2.24 2.47
CA GLU B 107 34.82 -3.20 1.90
C GLU B 107 35.39 -2.67 0.58
N PRO B 108 36.62 -3.01 0.25
CA PRO B 108 37.30 -2.36 -0.89
C PRO B 108 36.57 -2.51 -2.22
N GLU B 109 35.84 -3.61 -2.41
CA GLU B 109 35.17 -3.82 -3.69
C GLU B 109 33.97 -2.90 -3.88
N LYS B 110 33.48 -2.26 -2.82
CA LYS B 110 32.29 -1.42 -2.91
C LYS B 110 32.56 0.00 -2.43
N ARG B 111 33.82 0.41 -2.41
CA ARG B 111 34.18 1.73 -1.90
C ARG B 111 33.81 2.83 -2.89
N GLY B 112 33.45 3.97 -2.33
CA GLY B 112 33.22 5.17 -3.11
C GLY B 112 33.99 6.35 -2.55
N LYS B 113 33.53 7.55 -2.87
CA LYS B 113 34.25 8.79 -2.59
C LYS B 113 33.58 9.63 -1.51
N TYR B 114 32.61 9.07 -0.78
CA TYR B 114 31.80 9.85 0.14
C TYR B 114 31.74 9.22 1.52
N VAL B 115 31.57 10.07 2.53
CA VAL B 115 31.40 9.67 3.92
C VAL B 115 30.01 10.06 4.35
N VAL B 116 29.24 9.11 4.88
CA VAL B 116 27.87 9.35 5.27
C VAL B 116 27.76 9.13 6.78
N CYS B 117 27.36 10.17 7.49
CA CYS B 117 27.08 10.10 8.93
C CYS B 117 25.57 10.23 9.12
N PHE B 118 24.97 9.23 9.76
CA PHE B 118 23.52 9.13 9.76
C PHE B 118 23.00 8.51 11.05
N ASP B 119 21.81 8.97 11.44
CA ASP B 119 21.03 8.37 12.53
C ASP B 119 19.85 7.63 11.91
N PRO B 120 19.86 6.30 11.91
CA PRO B 120 18.83 5.56 11.15
C PRO B 120 17.41 5.94 11.51
N LEU B 121 17.11 6.09 12.80
CA LEU B 121 15.73 6.34 13.21
C LEU B 121 15.80 7.17 14.49
N ASP B 122 15.54 8.47 14.36
CA ASP B 122 15.82 9.44 15.41
C ASP B 122 14.54 9.74 16.19
N GLY B 123 14.62 9.60 17.51
CA GLY B 123 13.45 9.72 18.37
C GLY B 123 12.77 8.42 18.68
N SER B 124 13.34 7.28 18.27
CA SER B 124 12.74 5.99 18.51
C SER B 124 12.67 5.63 19.98
N SER B 125 13.37 6.35 20.85
CA SER B 125 13.23 6.15 22.30
C SER B 125 11.76 6.13 22.68
N ASN B 126 11.02 7.16 22.27
CA ASN B 126 9.57 7.15 22.37
C ASN B 126 8.97 6.87 21.00
N ILE B 127 9.12 5.63 20.55
CA ILE B 127 8.47 5.21 19.33
C ILE B 127 7.14 4.53 19.63
N ASP B 128 6.95 4.07 20.88
CA ASP B 128 5.78 3.31 21.29
C ASP B 128 4.56 4.17 21.53
N CYS B 129 4.74 5.49 21.63
CA CYS B 129 3.63 6.44 21.63
C CYS B 129 3.24 6.83 20.21
N LEU B 130 3.88 6.24 19.20
CA LEU B 130 3.59 6.50 17.79
C LEU B 130 3.81 7.97 17.45
N VAL B 131 4.93 8.52 17.91
CA VAL B 131 5.24 9.90 17.63
C VAL B 131 6.25 9.93 16.49
N SER B 132 6.28 11.06 15.79
CA SER B 132 7.10 11.20 14.60
C SER B 132 8.56 10.85 14.87
N VAL B 133 9.06 9.86 14.15
CA VAL B 133 10.48 9.53 14.13
C VAL B 133 11.03 9.85 12.75
N GLY B 134 12.35 9.78 12.63
CA GLY B 134 12.94 10.15 11.35
C GLY B 134 14.34 9.64 11.16
N THR B 135 14.81 9.76 9.92
CA THR B 135 16.18 9.47 9.54
C THR B 135 16.93 10.78 9.34
N ILE B 136 18.15 10.86 9.86
CA ILE B 136 19.02 12.01 9.67
C ILE B 136 20.30 11.55 9.00
N PHE B 137 20.81 12.35 8.07
CA PHE B 137 22.01 11.99 7.33
C PHE B 137 22.79 13.23 6.94
N GLY B 138 24.09 13.04 6.69
CA GLY B 138 24.96 14.08 6.19
C GLY B 138 26.15 13.48 5.47
N ILE B 139 26.37 13.88 4.22
CA ILE B 139 27.37 13.26 3.36
C ILE B 139 28.57 14.19 3.26
N TYR B 140 29.76 13.66 3.52
CA TYR B 140 31.01 14.35 3.27
C TYR B 140 31.68 13.74 2.05
N ARG B 141 32.72 14.41 1.55
CA ARG B 141 33.55 13.86 0.49
C ARG B 141 34.84 13.43 1.17
N LYS B 142 35.36 12.25 0.81
CA LYS B 142 36.53 11.76 1.53
C LYS B 142 37.61 12.83 1.56
N LYS B 143 38.21 13.03 2.73
CA LYS B 143 39.41 13.84 2.76
C LYS B 143 40.63 12.99 2.42
N SER B 144 40.47 11.66 2.50
CA SER B 144 41.51 10.68 2.27
C SER B 144 42.28 10.85 0.96
N THR B 145 43.49 10.33 0.95
CA THR B 145 44.35 10.24 -0.22
C THR B 145 44.69 8.82 -0.61
N ASP B 146 44.81 7.91 0.37
CA ASP B 146 45.15 6.52 0.11
C ASP B 146 43.99 5.59 0.46
N GLU B 147 43.80 5.32 1.75
CA GLU B 147 42.92 4.26 2.21
C GLU B 147 42.07 4.77 3.37
N PRO B 148 40.74 4.63 3.30
CA PRO B 148 39.85 5.33 4.23
C PRO B 148 40.07 4.97 5.69
N SER B 149 39.62 5.88 6.57
CA SER B 149 39.66 5.68 8.02
C SER B 149 38.55 6.51 8.65
N GLU B 150 38.40 6.39 9.98
CA GLU B 150 37.32 7.12 10.63
C GLU B 150 37.60 8.61 10.72
N LYS B 151 38.83 9.03 10.45
CA LYS B 151 39.17 10.45 10.41
C LYS B 151 38.39 11.18 9.33
N ASP B 152 38.04 10.46 8.25
CA ASP B 152 37.32 11.08 7.13
C ASP B 152 35.96 11.60 7.57
N ALA B 153 35.38 11.01 8.61
CA ALA B 153 34.14 11.51 9.17
C ALA B 153 34.36 12.69 10.11
N LEU B 154 35.59 12.88 10.59
CA LEU B 154 35.90 13.92 11.56
C LEU B 154 36.21 15.25 10.85
N GLN B 155 35.26 15.68 10.02
CA GLN B 155 35.35 16.98 9.38
C GLN B 155 34.32 17.93 9.98
N PRO B 156 34.58 19.24 9.98
CA PRO B 156 33.56 20.19 10.42
C PRO B 156 32.38 20.20 9.46
N GLY B 157 31.24 20.63 10.00
CA GLY B 157 30.02 20.66 9.20
C GLY B 157 30.07 21.56 7.99
N ARG B 158 31.04 22.48 7.95
CA ARG B 158 31.16 23.39 6.82
C ARG B 158 31.42 22.63 5.53
N ASN B 159 32.08 21.47 5.62
CA ASN B 159 32.53 20.72 4.46
C ASN B 159 31.46 19.78 3.91
N LEU B 160 30.22 19.90 4.39
CA LEU B 160 29.18 18.94 4.06
C LEU B 160 28.77 19.08 2.60
N VAL B 161 28.97 18.02 1.82
CA VAL B 161 28.53 18.03 0.42
C VAL B 161 27.03 18.16 0.34
N ALA B 162 26.30 17.27 1.01
CA ALA B 162 24.85 17.30 1.06
C ALA B 162 24.40 16.78 2.42
N ALA B 163 23.23 17.23 2.86
CA ALA B 163 22.70 16.82 4.16
C ALA B 163 21.19 16.98 4.16
N GLY B 164 20.53 16.21 5.01
CA GLY B 164 19.09 16.29 5.12
C GLY B 164 18.53 15.21 6.02
N TYR B 165 17.22 15.01 5.92
CA TYR B 165 16.53 14.07 6.80
C TYR B 165 15.23 13.63 6.14
N ALA B 166 14.57 12.67 6.80
CA ALA B 166 13.29 12.13 6.36
C ALA B 166 12.36 12.01 7.57
N LEU B 167 11.17 12.60 7.47
CA LEU B 167 10.23 12.67 8.59
C LEU B 167 9.12 11.63 8.39
N TYR B 168 9.07 10.64 9.27
CA TYR B 168 7.95 9.70 9.31
C TYR B 168 6.87 10.22 10.26
N GLY B 169 6.19 11.26 9.79
CA GLY B 169 5.14 11.90 10.58
C GLY B 169 3.77 11.75 9.95
N SER B 170 2.99 12.84 9.95
CA SER B 170 1.69 12.83 9.28
C SER B 170 1.78 12.23 7.89
N ALA B 171 2.84 12.58 7.16
CA ALA B 171 3.26 11.86 5.97
C ALA B 171 4.78 11.88 5.94
N THR B 172 5.36 11.11 5.02
CA THR B 172 6.80 10.96 4.97
C THR B 172 7.39 11.99 4.00
N MET B 173 8.31 12.82 4.50
CA MET B 173 8.92 13.89 3.72
C MET B 173 10.42 13.81 3.84
N LEU B 174 11.10 13.71 2.69
CA LEU B 174 12.55 13.85 2.65
C LEU B 174 12.91 15.31 2.37
N VAL B 175 13.78 15.86 3.21
CA VAL B 175 14.26 17.23 3.09
C VAL B 175 15.74 17.17 2.73
N LEU B 176 16.11 17.78 1.60
CA LEU B 176 17.46 17.66 1.03
C LEU B 176 18.08 19.04 0.88
N ALA B 177 19.06 19.35 1.73
CA ALA B 177 19.81 20.59 1.64
C ALA B 177 21.13 20.37 0.91
N MET B 178 21.46 21.29 0.02
CA MET B 178 22.64 21.20 -0.84
C MET B 178 23.07 22.63 -1.18
N ASP B 179 24.14 22.76 -1.96
CA ASP B 179 24.63 24.09 -2.32
C ASP B 179 23.57 24.89 -3.07
N CYS B 180 22.64 24.22 -3.74
CA CYS B 180 21.55 24.87 -4.44
C CYS B 180 20.34 25.15 -3.55
N GLY B 181 20.40 24.79 -2.28
CA GLY B 181 19.34 25.11 -1.34
C GLY B 181 18.61 23.88 -0.85
N VAL B 182 17.55 24.14 -0.08
CA VAL B 182 16.79 23.11 0.62
C VAL B 182 15.55 22.78 -0.19
N ASN B 183 15.36 21.49 -0.49
CA ASN B 183 14.21 21.02 -1.26
C ASN B 183 13.50 19.93 -0.48
N CYS B 184 12.17 20.01 -0.43
CA CYS B 184 11.34 19.10 0.34
C CYS B 184 10.52 18.23 -0.62
N PHE B 185 10.67 16.92 -0.51
CA PHE B 185 9.93 15.97 -1.32
C PHE B 185 8.98 15.15 -0.45
N MET B 186 7.72 15.11 -0.85
CA MET B 186 6.73 14.24 -0.22
C MET B 186 6.74 12.86 -0.88
N LEU B 187 6.69 11.83 -0.06
CA LEU B 187 6.52 10.46 -0.56
C LEU B 187 5.06 10.23 -0.92
N ASP B 188 4.83 9.59 -2.06
CA ASP B 188 3.48 9.17 -2.43
C ASP B 188 3.41 7.66 -2.24
N PRO B 189 2.90 7.17 -1.11
CA PRO B 189 2.94 5.72 -0.84
C PRO B 189 2.34 4.86 -1.93
N ALA B 190 1.40 5.41 -2.72
CA ALA B 190 0.72 4.59 -3.72
C ALA B 190 1.66 4.11 -4.80
N ILE B 191 2.62 4.94 -5.20
CA ILE B 191 3.59 4.58 -6.23
C ILE B 191 5.02 4.60 -5.74
N GLY B 192 5.27 5.03 -4.51
CA GLY B 192 6.63 5.03 -3.97
C GLY B 192 7.56 6.03 -4.62
N GLU B 193 7.09 7.24 -4.87
CA GLU B 193 7.88 8.30 -5.49
C GLU B 193 7.90 9.51 -4.58
N PHE B 194 9.06 10.19 -4.54
CA PHE B 194 9.22 11.40 -3.75
C PHE B 194 8.92 12.60 -4.65
N ILE B 195 7.85 13.32 -4.34
CA ILE B 195 7.34 14.38 -5.20
C ILE B 195 7.79 15.72 -4.64
N LEU B 196 8.50 16.50 -5.47
CA LEU B 196 8.93 17.84 -5.08
C LEU B 196 7.73 18.74 -4.82
N VAL B 197 7.55 19.15 -3.57
CA VAL B 197 6.43 19.98 -3.15
C VAL B 197 6.87 21.32 -2.59
N ASP B 198 8.18 21.55 -2.46
CA ASP B 198 8.73 22.81 -1.96
C ASP B 198 10.14 22.95 -2.49
N LYS B 199 10.39 23.98 -3.31
CA LYS B 199 11.73 24.21 -3.85
C LYS B 199 12.44 25.32 -3.08
N ASP B 200 13.74 25.12 -2.88
CA ASP B 200 14.69 26.15 -2.47
C ASP B 200 14.14 26.93 -1.27
N VAL B 201 13.81 26.16 -0.22
CA VAL B 201 13.04 26.66 0.91
C VAL B 201 13.90 27.53 1.81
N LYS B 202 13.33 28.64 2.26
CA LYS B 202 13.99 29.56 3.18
C LYS B 202 13.05 29.80 4.35
N ILE B 203 13.61 30.22 5.48
CA ILE B 203 12.90 30.16 6.76
C ILE B 203 12.39 31.54 7.13
N LYS B 204 11.26 31.58 7.87
CA LYS B 204 10.79 32.82 8.45
C LYS B 204 11.90 33.49 9.25
N LYS B 205 12.01 34.81 9.12
CA LYS B 205 13.10 35.52 9.75
C LYS B 205 12.95 35.54 11.27
N LYS B 206 11.70 35.46 11.76
CA LYS B 206 11.43 35.33 13.19
C LYS B 206 10.09 34.63 13.37
N GLY B 207 10.02 33.73 14.35
CA GLY B 207 8.81 32.98 14.62
C GLY B 207 8.22 33.25 15.99
N LYS B 208 7.17 32.51 16.36
CA LYS B 208 6.53 32.65 17.66
C LYS B 208 6.44 31.28 18.35
N ILE B 209 7.42 30.43 18.07
CA ILE B 209 7.52 29.07 18.59
C ILE B 209 8.86 28.93 19.28
N TYR B 210 8.89 28.36 20.48
CA TYR B 210 10.16 27.95 21.07
C TYR B 210 10.07 26.50 21.48
N SER B 211 11.21 25.80 21.42
CA SER B 211 11.24 24.34 21.58
C SER B 211 12.42 23.94 22.46
N LEU B 212 12.13 23.43 23.65
CA LEU B 212 13.14 22.80 24.50
C LEU B 212 12.44 21.98 25.56
N ASN B 213 13.20 21.11 26.21
CA ASN B 213 12.70 20.29 27.32
C ASN B 213 12.86 21.08 28.61
N GLU B 214 11.75 21.61 29.11
CA GLU B 214 11.77 22.40 30.33
C GLU B 214 11.77 21.55 31.59
N GLY B 215 11.83 20.22 31.44
CA GLY B 215 12.08 19.34 32.57
C GLY B 215 13.50 19.36 33.05
N TYR B 216 14.39 20.06 32.35
CA TYR B 216 15.75 20.31 32.79
C TYR B 216 15.92 21.73 33.30
N ALA B 217 14.82 22.41 33.64
CA ALA B 217 14.88 23.81 34.07
C ALA B 217 15.73 23.99 35.31
N ARG B 218 15.75 22.99 36.20
CA ARG B 218 16.64 23.02 37.35
C ARG B 218 18.09 23.23 36.93
N ASP B 219 18.46 22.68 35.78
CA ASP B 219 19.86 22.51 35.41
C ASP B 219 20.32 23.50 34.35
N PHE B 220 19.42 24.33 33.84
CA PHE B 220 19.74 25.24 32.75
C PHE B 220 20.76 26.31 33.14
N ASP B 221 21.52 26.75 32.14
CA ASP B 221 22.40 27.90 32.29
C ASP B 221 21.57 29.16 32.52
N PRO B 222 22.15 30.17 33.18
CA PRO B 222 21.43 31.44 33.34
C PRO B 222 21.04 32.06 32.01
N ALA B 223 21.88 31.92 30.98
CA ALA B 223 21.56 32.45 29.66
C ALA B 223 20.29 31.80 29.11
N VAL B 224 20.21 30.48 29.19
CA VAL B 224 19.01 29.77 28.75
C VAL B 224 17.79 30.27 29.51
N THR B 225 17.89 30.29 30.85
CA THR B 225 16.74 30.62 31.69
C THR B 225 16.19 32.01 31.37
N GLU B 226 17.07 32.99 31.17
CA GLU B 226 16.62 34.33 30.84
C GLU B 226 15.90 34.37 29.50
N TYR B 227 16.42 33.64 28.51
CA TYR B 227 15.79 33.63 27.19
C TYR B 227 14.35 33.16 27.28
N ILE B 228 14.10 32.11 28.08
CA ILE B 228 12.75 31.58 28.20
C ILE B 228 11.86 32.55 28.96
N GLN B 229 12.40 33.22 29.98
CA GLN B 229 11.64 34.26 30.66
C GLN B 229 11.25 35.36 29.69
N ARG B 230 12.15 35.70 28.77
CA ARG B 230 11.83 36.67 27.73
C ARG B 230 10.71 36.18 26.82
N LYS B 231 10.60 34.86 26.66
CA LYS B 231 9.57 34.34 25.76
C LYS B 231 8.26 34.13 26.49
N LYS B 232 8.32 33.50 27.66
CA LYS B 232 7.12 33.33 28.49
C LYS B 232 6.58 34.68 28.93
N PHE B 233 7.45 35.66 29.12
CA PHE B 233 7.07 36.96 29.70
C PHE B 233 7.70 38.02 28.81
N PRO B 234 7.06 38.37 27.69
CA PRO B 234 7.68 39.31 26.74
C PRO B 234 8.20 40.56 27.43
N PRO B 235 9.44 40.96 27.14
CA PRO B 235 9.99 42.18 27.76
C PRO B 235 9.50 43.47 27.13
N ASP B 236 9.11 43.43 25.85
CA ASP B 236 8.66 44.60 25.11
C ASP B 236 7.16 44.78 25.14
N ASN B 237 6.47 44.08 26.03
CA ASN B 237 5.00 44.01 26.06
C ASN B 237 4.45 43.70 24.67
N SER B 238 4.85 42.55 24.15
CA SER B 238 4.23 41.96 22.97
C SER B 238 3.37 40.79 23.41
N ALA B 239 3.38 39.70 22.64
CA ALA B 239 2.60 38.53 23.00
C ALA B 239 3.50 37.34 23.27
N PRO B 240 3.22 36.56 24.32
CA PRO B 240 4.09 35.43 24.68
C PRO B 240 4.24 34.42 23.55
N TYR B 241 5.46 33.94 23.37
CA TYR B 241 5.76 32.90 22.39
C TYR B 241 5.01 31.60 22.72
N GLY B 242 5.11 30.64 21.81
CA GLY B 242 4.48 29.35 21.99
C GLY B 242 5.47 28.23 22.28
N ALA B 243 4.99 27.13 22.89
CA ALA B 243 5.83 26.06 23.38
C ALA B 243 5.50 24.75 22.66
N ARG B 244 6.53 24.10 22.12
CA ARG B 244 6.35 22.89 21.32
C ARG B 244 7.60 22.03 21.46
N TYR B 245 7.49 20.88 22.10
CA TYR B 245 8.61 19.92 22.19
C TYR B 245 8.04 18.52 21.96
N VAL B 246 8.15 18.05 20.72
CA VAL B 246 7.65 16.72 20.37
C VAL B 246 8.48 15.64 21.05
N GLY B 247 9.75 15.91 21.30
CA GLY B 247 10.66 14.89 21.78
C GLY B 247 11.37 14.13 20.68
N SER B 248 11.41 14.68 19.48
CA SER B 248 12.01 14.03 18.32
C SER B 248 12.60 15.12 17.45
N MET B 249 13.90 15.02 17.16
CA MET B 249 14.63 16.16 16.62
C MET B 249 14.12 16.52 15.23
N VAL B 250 14.04 15.53 14.34
CA VAL B 250 13.46 15.69 13.01
C VAL B 250 12.13 16.43 13.07
N ALA B 251 11.22 16.00 13.95
CA ALA B 251 9.90 16.60 14.02
C ALA B 251 9.98 18.05 14.48
N ASP B 252 10.85 18.34 15.45
CA ASP B 252 10.96 19.71 15.95
C ASP B 252 11.72 20.60 15.00
N VAL B 253 12.79 20.07 14.38
CA VAL B 253 13.55 20.87 13.41
C VAL B 253 12.68 21.17 12.19
N HIS B 254 11.91 20.18 11.72
CA HIS B 254 11.07 20.41 10.56
C HIS B 254 9.97 21.41 10.85
N ARG B 255 9.40 21.38 12.05
CA ARG B 255 8.45 22.42 12.43
C ARG B 255 9.13 23.78 12.46
N THR B 256 10.34 23.83 13.00
CA THR B 256 11.10 25.09 13.02
C THR B 256 11.43 25.53 11.61
N LEU B 257 11.59 24.59 10.67
CA LEU B 257 11.79 24.94 9.27
C LEU B 257 10.50 25.48 8.65
N VAL B 258 9.39 24.76 8.83
CA VAL B 258 8.15 25.09 8.13
C VAL B 258 7.54 26.37 8.69
N TYR B 259 7.23 26.37 9.99
CA TYR B 259 6.52 27.50 10.59
C TYR B 259 7.45 28.56 11.16
N GLY B 260 8.71 28.23 11.40
CA GLY B 260 9.64 29.16 12.02
C GLY B 260 9.76 28.94 13.51
N GLY B 261 10.60 29.78 14.13
CA GLY B 261 10.79 29.75 15.56
C GLY B 261 12.22 29.39 15.93
N ILE B 262 12.36 28.76 17.09
CA ILE B 262 13.67 28.38 17.61
C ILE B 262 13.58 27.00 18.26
N PHE B 263 14.66 26.24 18.13
CA PHE B 263 14.83 24.95 18.80
C PHE B 263 16.12 25.00 19.61
N LEU B 264 16.06 24.47 20.83
CA LEU B 264 17.25 24.35 21.66
C LEU B 264 17.35 22.94 22.21
N TYR B 265 18.55 22.39 22.25
CA TYR B 265 18.87 21.32 23.18
C TYR B 265 20.20 21.78 23.76
N PRO B 266 20.16 22.69 24.73
CA PRO B 266 21.38 23.38 25.16
C PRO B 266 22.20 22.52 26.12
N ALA B 267 23.30 23.10 26.57
CA ALA B 267 24.13 22.47 27.60
C ALA B 267 23.58 22.83 28.97
N ASN B 268 23.66 21.86 29.87
CA ASN B 268 23.32 22.06 31.27
C ASN B 268 24.44 21.48 32.12
N LYS B 269 24.26 21.36 33.43
CA LYS B 269 25.40 20.93 34.25
C LYS B 269 25.62 19.42 34.16
N LYS B 270 24.56 18.65 33.94
CA LYS B 270 24.66 17.21 33.84
C LYS B 270 24.78 16.74 32.39
N SER B 271 24.65 17.64 31.42
CA SER B 271 25.12 17.41 30.05
C SER B 271 25.93 18.64 29.67
N PRO B 272 27.22 18.66 29.99
CA PRO B 272 28.06 19.81 29.63
C PRO B 272 28.25 19.97 28.12
N ASN B 273 27.92 18.95 27.33
CA ASN B 273 28.09 18.99 25.88
C ASN B 273 26.76 18.75 25.17
N GLY B 274 25.65 19.07 25.83
CA GLY B 274 24.35 18.70 25.29
C GLY B 274 24.22 17.18 25.20
N LYS B 275 23.12 16.75 24.57
CA LYS B 275 22.90 15.35 24.24
C LYS B 275 23.05 15.08 22.75
N LEU B 276 22.44 15.91 21.91
CA LEU B 276 22.35 15.62 20.49
C LEU B 276 23.74 15.55 19.87
N ARG B 277 24.00 14.44 19.17
CA ARG B 277 25.32 14.17 18.62
C ARG B 277 25.68 15.19 17.55
N LEU B 278 26.97 15.26 17.23
CA LEU B 278 27.45 16.24 16.27
C LEU B 278 27.30 15.76 14.84
N LEU B 279 27.92 14.62 14.51
CA LEU B 279 28.13 14.24 13.13
C LEU B 279 26.86 13.75 12.44
N TYR B 280 25.98 13.07 13.16
CA TYR B 280 24.78 12.49 12.57
C TYR B 280 23.50 13.00 13.24
N GLU B 281 23.52 14.23 13.75
CA GLU B 281 22.33 14.87 14.28
C GLU B 281 22.42 16.39 14.16
N CYS B 282 23.38 17.00 14.86
CA CYS B 282 23.46 18.45 14.91
C CYS B 282 23.94 19.04 13.59
N ASN B 283 25.13 18.63 13.14
CA ASN B 283 25.65 19.12 11.85
C ASN B 283 24.64 19.01 10.72
N PRO B 284 23.97 17.87 10.49
CA PRO B 284 23.00 17.81 9.39
C PRO B 284 21.90 18.86 9.50
N MET B 285 21.37 19.07 10.71
CA MET B 285 20.27 20.01 10.88
C MET B 285 20.75 21.45 10.81
N ALA B 286 22.01 21.70 11.17
CA ALA B 286 22.59 23.03 11.01
C ALA B 286 22.73 23.38 9.53
N TYR B 287 23.20 22.42 8.72
CA TYR B 287 23.40 22.67 7.29
C TYR B 287 22.06 23.00 6.62
N VAL B 288 21.00 22.28 6.98
CA VAL B 288 19.66 22.60 6.48
C VAL B 288 19.30 24.04 6.82
N MET B 289 19.44 24.39 8.10
CA MET B 289 19.02 25.73 8.55
C MET B 289 19.82 26.83 7.87
N GLU B 290 21.13 26.64 7.74
CA GLU B 290 21.96 27.71 7.18
C GLU B 290 21.75 27.84 5.67
N LYS B 291 21.59 26.71 4.97
CA LYS B 291 21.17 26.74 3.58
C LYS B 291 19.72 27.19 3.41
N ALA B 292 18.99 27.41 4.50
CA ALA B 292 17.63 27.91 4.43
C ALA B 292 17.48 29.27 5.11
N GLY B 293 18.58 29.94 5.44
CA GLY B 293 18.51 31.26 6.03
C GLY B 293 18.41 31.30 7.54
N GLY B 294 18.30 30.15 8.20
CA GLY B 294 18.42 30.10 9.63
C GLY B 294 19.87 30.01 10.06
N MET B 295 20.09 30.01 11.36
CA MET B 295 21.42 29.84 11.90
C MET B 295 21.44 28.64 12.83
N ALA B 296 22.65 28.28 13.28
CA ALA B 296 22.82 27.16 14.20
C ALA B 296 24.11 27.36 14.97
N THR B 297 24.00 27.53 16.28
CA THR B 297 25.13 27.79 17.15
C THR B 297 25.12 26.83 18.34
N THR B 298 26.29 26.65 18.94
CA THR B 298 26.40 26.01 20.23
C THR B 298 26.37 27.01 21.37
N GLY B 299 26.37 28.31 21.06
CA GLY B 299 26.48 29.37 22.04
C GLY B 299 27.75 30.16 21.80
N LYS B 300 28.80 29.47 21.38
CA LYS B 300 30.14 30.05 21.29
C LYS B 300 30.70 29.87 19.87
N GLU B 301 30.77 28.63 19.38
CA GLU B 301 30.98 28.39 17.96
C GLU B 301 29.66 28.11 17.26
N ALA B 302 29.65 28.31 15.95
CA ALA B 302 28.56 27.82 15.12
C ALA B 302 28.76 26.33 14.89
N VAL B 303 27.64 25.59 14.87
CA VAL B 303 27.70 24.12 14.86
C VAL B 303 28.56 23.63 13.72
N LEU B 304 28.40 24.21 12.53
CA LEU B 304 29.17 23.80 11.36
C LEU B 304 30.65 24.09 11.48
N ASP B 305 31.06 24.86 12.49
CA ASP B 305 32.45 25.29 12.65
C ASP B 305 33.20 24.48 13.70
N VAL B 306 32.53 23.57 14.39
CA VAL B 306 33.19 22.69 15.35
C VAL B 306 33.89 21.58 14.59
N ILE B 307 35.18 21.40 14.83
CA ILE B 307 35.93 20.27 14.27
C ILE B 307 35.81 19.09 15.24
N PRO B 308 35.27 17.96 14.82
CA PRO B 308 35.04 16.86 15.75
C PRO B 308 36.33 16.15 16.14
N THR B 309 36.35 15.64 17.37
CA THR B 309 37.40 14.77 17.85
C THR B 309 36.97 13.33 18.00
N ASP B 310 35.66 13.08 18.09
CA ASP B 310 35.09 11.77 18.33
C ASP B 310 33.87 11.62 17.43
N ILE B 311 33.66 10.43 16.86
CA ILE B 311 32.58 10.32 15.89
C ILE B 311 31.22 10.33 16.57
N HIS B 312 31.16 9.94 17.84
CA HIS B 312 29.95 10.03 18.64
C HIS B 312 29.97 11.23 19.58
N GLN B 313 30.73 12.27 19.22
CA GLN B 313 30.81 13.48 20.02
C GLN B 313 29.46 14.17 20.13
N ARG B 314 29.16 14.67 21.33
CA ARG B 314 27.96 15.42 21.62
C ARG B 314 28.22 16.91 21.47
N ALA B 315 27.17 17.67 21.18
CA ALA B 315 27.31 19.11 20.97
C ALA B 315 26.02 19.81 21.35
N PRO B 316 26.10 21.03 21.89
CA PRO B 316 24.89 21.84 22.09
C PRO B 316 24.41 22.41 20.77
N VAL B 317 23.09 22.57 20.66
CA VAL B 317 22.47 23.03 19.42
C VAL B 317 21.35 24.02 19.73
N ILE B 318 21.40 25.19 19.09
CA ILE B 318 20.34 26.18 19.14
C ILE B 318 20.15 26.65 17.69
N LEU B 319 19.20 26.05 16.98
CA LEU B 319 18.94 26.38 15.59
C LEU B 319 17.54 26.95 15.43
N GLY B 320 17.29 27.51 14.26
CA GLY B 320 15.98 27.99 13.92
C GLY B 320 16.05 29.29 13.15
N SER B 321 14.96 30.05 13.22
CA SER B 321 14.87 31.33 12.54
C SER B 321 16.03 32.22 12.95
N PRO B 322 16.56 33.06 12.05
CA PRO B 322 17.77 33.84 12.36
C PRO B 322 17.60 34.77 13.55
N ASP B 323 16.63 35.68 13.49
CA ASP B 323 16.45 36.67 14.56
C ASP B 323 16.37 36.02 15.93
N ASP B 324 15.78 34.83 16.01
CA ASP B 324 15.55 34.18 17.29
C ASP B 324 16.86 33.70 17.90
N VAL B 325 17.73 33.08 17.10
CA VAL B 325 19.02 32.64 17.60
C VAL B 325 19.90 33.83 17.95
N LEU B 326 19.75 34.94 17.22
CA LEU B 326 20.46 36.16 17.57
C LEU B 326 20.00 36.69 18.92
N GLU B 327 18.69 36.69 19.16
CA GLU B 327 18.15 37.11 20.45
C GLU B 327 18.75 36.28 21.58
N PHE B 328 18.90 34.97 21.35
CA PHE B 328 19.61 34.12 22.31
C PHE B 328 21.08 34.54 22.44
N LEU B 329 21.77 34.65 21.31
CA LEU B 329 23.22 34.86 21.36
C LEU B 329 23.59 36.15 22.08
N LYS B 330 22.72 37.17 22.03
CA LYS B 330 22.96 38.37 22.83
C LYS B 330 22.86 38.06 24.31
N VAL B 331 21.86 37.28 24.72
CA VAL B 331 21.74 36.90 26.13
C VAL B 331 22.91 36.02 26.53
N TYR B 332 23.36 35.14 25.62
CA TYR B 332 24.50 34.28 25.93
C TYR B 332 25.76 35.10 26.20
N GLU B 333 26.08 36.04 25.31
CA GLU B 333 27.31 36.82 25.50
C GLU B 333 27.27 37.65 26.77
N LYS B 334 26.08 38.05 27.20
CA LYS B 334 25.98 38.90 28.38
C LYS B 334 26.38 38.14 29.64
N HIS B 335 26.02 36.86 29.72
CA HIS B 335 26.33 36.01 30.87
C HIS B 335 27.68 35.32 30.76
N SER B 336 28.50 35.67 29.77
CA SER B 336 29.81 35.05 29.63
C SER B 336 30.93 36.09 29.66
N ALA B 337 32.12 35.65 30.01
N ASP C 10 -23.85 6.25 -2.50
CA ASP C 10 -23.89 5.69 -1.16
C ASP C 10 -23.05 4.41 -1.18
N VAL C 11 -21.98 4.38 -0.41
CA VAL C 11 -20.99 3.31 -0.53
C VAL C 11 -21.57 2.03 0.08
N ASN C 12 -21.18 0.90 -0.49
CA ASN C 12 -21.54 -0.40 0.05
C ASN C 12 -20.30 -1.29 0.05
N THR C 13 -19.78 -1.53 1.25
CA THR C 13 -18.65 -2.42 1.43
C THR C 13 -19.14 -3.82 1.72
N LEU C 14 -18.21 -4.76 1.79
CA LEU C 14 -18.60 -6.12 2.12
C LEU C 14 -18.91 -6.28 3.61
N THR C 15 -18.18 -5.57 4.47
CA THR C 15 -18.52 -5.59 5.89
C THR C 15 -19.90 -5.00 6.16
N ARG C 16 -20.38 -4.09 5.30
CA ARG C 16 -21.77 -3.63 5.42
C ARG C 16 -22.74 -4.67 4.87
N PHE C 17 -22.48 -5.14 3.66
CA PHE C 17 -23.38 -6.07 2.98
C PHE C 17 -23.52 -7.37 3.77
N VAL C 18 -22.42 -7.90 4.30
CA VAL C 18 -22.45 -9.20 4.93
C VAL C 18 -23.18 -9.13 6.28
N MET C 19 -23.31 -7.92 6.83
CA MET C 19 -24.04 -7.67 8.07
C MET C 19 -25.50 -7.31 7.79
N GLU C 20 -25.74 -6.50 6.76
CA GLU C 20 -27.09 -6.11 6.39
C GLU C 20 -27.96 -7.34 6.12
N GLU C 21 -27.44 -8.27 5.30
CA GLU C 21 -28.18 -9.49 5.00
C GLU C 21 -28.41 -10.32 6.27
N GLY C 22 -27.42 -10.37 7.15
CA GLY C 22 -27.59 -11.09 8.40
C GLY C 22 -28.68 -10.49 9.27
N ARG C 23 -28.57 -9.19 9.54
CA ARG C 23 -29.58 -8.49 10.34
C ARG C 23 -30.98 -8.71 9.76
N LYS C 24 -31.09 -8.73 8.43
CA LYS C 24 -32.39 -8.94 7.80
C LYS C 24 -32.92 -10.35 8.01
N ALA C 25 -32.03 -11.33 8.20
CA ALA C 25 -32.41 -12.71 8.46
C ALA C 25 -32.26 -13.09 9.93
N ARG C 26 -32.27 -12.10 10.82
CA ARG C 26 -31.85 -12.26 12.21
C ARG C 26 -30.56 -13.06 12.27
N GLY C 27 -30.60 -14.31 12.72
CA GLY C 27 -29.41 -15.13 12.76
C GLY C 27 -28.36 -14.67 13.75
N THR C 28 -27.64 -15.63 14.34
CA THR C 28 -26.71 -15.31 15.43
C THR C 28 -25.75 -14.19 15.07
N GLY C 29 -25.15 -14.27 13.90
CA GLY C 29 -24.06 -13.36 13.56
C GLY C 29 -22.82 -14.16 13.19
N GLU C 30 -23.01 -15.46 12.95
CA GLU C 30 -21.90 -16.36 12.72
C GLU C 30 -21.53 -16.49 11.26
N LEU C 31 -22.52 -16.59 10.37
CA LEU C 31 -22.24 -16.53 8.94
C LEU C 31 -21.59 -15.21 8.57
N THR C 32 -21.95 -14.13 9.28
CA THR C 32 -21.31 -12.83 9.06
C THR C 32 -19.85 -12.87 9.48
N GLN C 33 -19.57 -13.30 10.73
CA GLN C 33 -18.20 -13.31 11.22
C GLN C 33 -17.31 -14.23 10.40
N LEU C 34 -17.84 -15.38 9.98
CA LEU C 34 -17.11 -16.27 9.08
C LEU C 34 -16.59 -15.51 7.88
N LEU C 35 -17.52 -14.91 7.12
CA LEU C 35 -17.17 -14.22 5.88
C LEU C 35 -16.31 -13.00 6.17
N ASN C 36 -16.65 -12.24 7.20
CA ASN C 36 -15.81 -11.11 7.60
C ASN C 36 -14.39 -11.55 7.92
N SER C 37 -14.24 -12.68 8.62
CA SER C 37 -12.92 -13.23 8.89
C SER C 37 -12.30 -13.78 7.61
N LEU C 38 -13.12 -14.44 6.78
CA LEU C 38 -12.62 -14.96 5.51
C LEU C 38 -12.05 -13.86 4.64
N CYS C 39 -12.69 -12.70 4.63
CA CYS C 39 -12.29 -11.63 3.72
C CYS C 39 -10.98 -11.01 4.15
N THR C 40 -10.78 -10.87 5.45
CA THR C 40 -9.49 -10.41 5.97
C THR C 40 -8.37 -11.35 5.53
N ALA C 41 -8.65 -12.66 5.50
CA ALA C 41 -7.68 -13.61 4.97
C ALA C 41 -7.37 -13.32 3.50
N VAL C 42 -8.42 -13.06 2.71
CA VAL C 42 -8.23 -12.76 1.29
C VAL C 42 -7.39 -11.50 1.12
N LYS C 43 -7.69 -10.47 1.91
CA LYS C 43 -6.90 -9.23 1.89
C LYS C 43 -5.43 -9.52 2.15
N ALA C 44 -5.15 -10.48 3.04
CA ALA C 44 -3.77 -10.84 3.35
C ALA C 44 -3.13 -11.66 2.24
N ILE C 45 -3.90 -12.54 1.60
CA ILE C 45 -3.36 -13.32 0.51
C ILE C 45 -3.01 -12.43 -0.68
N SER C 46 -3.91 -11.51 -1.03
CA SER C 46 -3.63 -10.56 -2.09
C SER C 46 -2.31 -9.85 -1.85
N SER C 47 -2.12 -9.32 -0.63
CA SER C 47 -0.86 -8.68 -0.27
C SER C 47 0.34 -9.56 -0.61
N ALA C 48 0.27 -10.84 -0.21
CA ALA C 48 1.37 -11.76 -0.50
C ALA C 48 1.54 -11.95 -2.00
N VAL C 49 0.43 -12.21 -2.71
CA VAL C 49 0.50 -12.52 -4.14
C VAL C 49 1.08 -11.34 -4.92
N ARG C 50 0.68 -10.12 -4.58
CA ARG C 50 1.23 -8.94 -5.25
C ARG C 50 2.67 -8.65 -4.86
N LYS C 51 3.24 -9.44 -3.95
CA LYS C 51 4.67 -9.45 -3.61
C LYS C 51 5.06 -8.27 -2.73
N ALA C 52 4.21 -7.93 -1.77
CA ALA C 52 4.57 -6.93 -0.76
C ALA C 52 5.62 -7.51 0.18
N GLY C 53 6.80 -6.90 0.19
CA GLY C 53 7.91 -7.41 0.98
C GLY C 53 8.90 -8.24 0.21
N ILE C 54 8.74 -8.37 -1.10
CA ILE C 54 9.67 -9.14 -1.92
C ILE C 54 11.08 -8.58 -1.81
N ALA C 55 11.20 -7.29 -1.47
CA ALA C 55 12.51 -6.68 -1.29
C ALA C 55 13.30 -7.38 -0.18
N HIS C 56 12.63 -7.72 0.93
CA HIS C 56 13.34 -8.29 2.06
C HIS C 56 13.77 -9.73 1.82
N LEU C 57 13.09 -10.46 0.93
CA LEU C 57 13.58 -11.77 0.56
C LEU C 57 14.82 -11.69 -0.33
N TYR C 58 15.05 -10.54 -0.96
CA TYR C 58 16.21 -10.33 -1.82
C TYR C 58 17.23 -9.40 -1.17
N GLY C 59 17.16 -9.22 0.16
CA GLY C 59 18.24 -8.63 0.90
C GLY C 59 18.27 -7.11 0.96
N ILE C 60 17.11 -6.45 0.98
CA ILE C 60 17.11 -4.99 1.06
C ILE C 60 17.77 -4.50 2.34
N ALA C 61 17.76 -5.34 3.39
CA ALA C 61 18.28 -4.95 4.70
C ALA C 61 19.35 -5.89 5.21
N GLY C 62 19.94 -6.72 4.34
CA GLY C 62 21.01 -7.59 4.78
C GLY C 62 20.97 -8.99 4.21
N SER C 63 19.98 -9.78 4.60
CA SER C 63 19.84 -11.13 4.09
C SER C 63 18.40 -11.42 3.67
N LYS C 73 5.75 -22.15 -0.62
CA LYS C 73 5.52 -21.20 0.47
C LYS C 73 4.23 -20.39 0.38
N LEU C 74 3.90 -19.83 -0.79
CA LEU C 74 2.65 -19.08 -0.90
C LEU C 74 1.42 -19.97 -0.73
N ASP C 75 1.44 -21.17 -1.35
CA ASP C 75 0.39 -22.14 -1.08
C ASP C 75 0.16 -22.26 0.41
N VAL C 76 1.25 -22.48 1.14
CA VAL C 76 1.18 -22.81 2.56
C VAL C 76 0.76 -21.59 3.36
N LEU C 77 1.28 -20.41 3.01
CA LEU C 77 0.89 -19.18 3.71
C LEU C 77 -0.58 -18.89 3.50
N SER C 78 -1.08 -19.07 2.27
CA SER C 78 -2.49 -18.83 2.00
C SER C 78 -3.37 -19.79 2.79
N ASN C 79 -3.00 -21.07 2.85
CA ASN C 79 -3.75 -22.03 3.64
C ASN C 79 -3.73 -21.66 5.11
N ASP C 80 -2.53 -21.39 5.65
CA ASP C 80 -2.42 -21.00 7.06
C ASP C 80 -3.25 -19.76 7.36
N LEU C 81 -3.36 -18.84 6.40
CA LEU C 81 -4.13 -17.63 6.60
C LEU C 81 -5.61 -17.93 6.71
N VAL C 82 -6.17 -18.60 5.70
CA VAL C 82 -7.59 -18.99 5.73
C VAL C 82 -7.89 -19.78 7.00
N MET C 83 -7.08 -20.81 7.25
CA MET C 83 -7.20 -21.67 8.42
C MET C 83 -7.30 -20.88 9.72
N ASN C 84 -6.24 -20.14 10.04
CA ASN C 84 -6.18 -19.44 11.33
C ASN C 84 -7.28 -18.39 11.45
N MET C 85 -7.69 -17.79 10.33
CA MET C 85 -8.75 -16.79 10.38
C MET C 85 -10.11 -17.44 10.62
N LEU C 86 -10.32 -18.65 10.07
CA LEU C 86 -11.59 -19.33 10.21
C LEU C 86 -11.73 -19.99 11.57
N LYS C 87 -10.65 -20.62 12.07
CA LYS C 87 -10.66 -21.12 13.43
C LYS C 87 -10.94 -20.01 14.43
N SER C 88 -10.34 -18.83 14.19
CA SER C 88 -10.54 -17.69 15.07
C SER C 88 -11.95 -17.10 14.96
N SER C 89 -12.70 -17.44 13.90
CA SER C 89 -13.98 -16.81 13.68
C SER C 89 -15.03 -17.23 14.70
N PHE C 90 -14.82 -18.37 15.37
CA PHE C 90 -15.80 -18.94 16.30
C PHE C 90 -17.10 -19.26 15.56
N ALA C 91 -16.96 -19.76 14.33
CA ALA C 91 -18.13 -20.06 13.51
C ALA C 91 -17.92 -21.31 12.66
N THR C 92 -16.84 -22.04 12.84
CA THR C 92 -16.52 -23.22 12.05
C THR C 92 -16.36 -24.42 12.97
N CYS C 93 -16.75 -25.59 12.47
CA CYS C 93 -16.49 -26.84 13.18
C CYS C 93 -15.63 -27.80 12.37
N VAL C 94 -15.80 -27.84 11.05
CA VAL C 94 -15.05 -28.70 10.16
C VAL C 94 -14.48 -27.86 9.03
N LEU C 95 -13.22 -28.09 8.69
CA LEU C 95 -12.52 -27.33 7.67
C LEU C 95 -11.81 -28.27 6.70
N VAL C 96 -12.06 -28.09 5.40
CA VAL C 96 -11.51 -28.96 4.36
C VAL C 96 -10.71 -28.11 3.38
N SER C 97 -9.49 -28.55 3.10
CA SER C 97 -8.56 -27.81 2.25
C SER C 97 -7.80 -28.77 1.35
N GLU C 98 -7.44 -28.29 0.15
CA GLU C 98 -6.41 -28.94 -0.64
C GLU C 98 -5.18 -29.28 0.19
N GLU C 99 -4.65 -28.28 0.89
CA GLU C 99 -3.31 -28.33 1.46
C GLU C 99 -3.24 -29.18 2.73
N ASP C 100 -4.33 -29.82 3.13
CA ASP C 100 -4.33 -30.81 4.19
C ASP C 100 -5.11 -32.03 3.69
N LYS C 101 -4.46 -33.19 3.67
CA LYS C 101 -5.16 -34.39 3.23
C LYS C 101 -6.22 -34.87 4.25
N HIS C 102 -6.49 -34.03 5.26
CA HIS C 102 -7.32 -34.39 6.40
C HIS C 102 -8.36 -33.31 6.64
N ALA C 103 -9.55 -33.73 7.08
CA ALA C 103 -10.55 -32.77 7.55
C ALA C 103 -10.13 -32.24 8.91
N ILE C 104 -9.89 -30.93 8.99
CA ILE C 104 -9.46 -30.31 10.24
C ILE C 104 -10.71 -30.02 11.08
N ILE C 105 -10.73 -30.54 12.30
CA ILE C 105 -11.83 -30.34 13.24
C ILE C 105 -11.42 -29.26 14.23
N VAL C 106 -12.27 -28.27 14.40
CA VAL C 106 -11.93 -27.10 15.23
C VAL C 106 -12.03 -27.46 16.70
N GLU C 107 -11.04 -27.02 17.47
CA GLU C 107 -10.99 -27.09 18.92
C GLU C 107 -12.29 -26.62 19.56
N PRO C 108 -12.76 -27.32 20.61
CA PRO C 108 -14.11 -27.07 21.16
C PRO C 108 -14.36 -25.63 21.56
N GLU C 109 -13.36 -24.95 22.10
CA GLU C 109 -13.54 -23.58 22.57
C GLU C 109 -13.81 -22.61 21.43
N LYS C 110 -13.50 -22.97 20.19
CA LYS C 110 -13.61 -22.07 19.05
C LYS C 110 -14.53 -22.62 17.97
N ARG C 111 -15.56 -23.35 18.35
CA ARG C 111 -16.43 -24.01 17.38
C ARG C 111 -17.69 -23.21 17.09
N GLY C 112 -18.07 -23.20 15.82
CA GLY C 112 -19.39 -22.75 15.39
C GLY C 112 -20.14 -23.88 14.71
N LYS C 113 -20.99 -23.55 13.75
CA LYS C 113 -21.91 -24.52 13.18
C LYS C 113 -21.74 -24.73 11.67
N TYR C 114 -20.71 -24.16 11.07
CA TYR C 114 -20.55 -24.18 9.61
C TYR C 114 -19.33 -25.00 9.21
N VAL C 115 -19.39 -25.55 7.99
CA VAL C 115 -18.32 -26.34 7.40
C VAL C 115 -17.81 -25.59 6.17
N VAL C 116 -16.49 -25.37 6.11
CA VAL C 116 -15.88 -24.58 5.06
C VAL C 116 -14.95 -25.48 4.25
N CYS C 117 -15.24 -25.62 2.96
CA CYS C 117 -14.41 -26.37 2.02
C CYS C 117 -13.77 -25.37 1.06
N PHE C 118 -12.44 -25.33 1.04
CA PHE C 118 -11.78 -24.22 0.34
C PHE C 118 -10.48 -24.67 -0.31
N ASP C 119 -10.11 -23.91 -1.34
CA ASP C 119 -8.84 -24.04 -2.05
C ASP C 119 -8.12 -22.70 -1.92
N PRO C 120 -7.10 -22.59 -1.06
CA PRO C 120 -6.59 -21.25 -0.71
C PRO C 120 -5.91 -20.52 -1.84
N LEU C 121 -5.30 -21.22 -2.79
CA LEU C 121 -4.61 -20.57 -3.91
C LEU C 121 -4.62 -21.54 -5.08
N ASP C 122 -5.51 -21.31 -6.04
CA ASP C 122 -5.78 -22.25 -7.11
C ASP C 122 -5.15 -21.72 -8.39
N GLY C 123 -4.32 -22.54 -9.03
CA GLY C 123 -3.53 -22.11 -10.16
C GLY C 123 -2.09 -21.77 -9.82
N SER C 124 -1.75 -21.72 -8.53
CA SER C 124 -0.37 -21.51 -8.12
C SER C 124 0.57 -22.60 -8.65
N SER C 125 0.02 -23.66 -9.24
CA SER C 125 0.79 -24.55 -10.10
C SER C 125 1.65 -23.73 -11.05
N ASN C 126 1.00 -22.84 -11.80
CA ASN C 126 1.65 -22.05 -12.82
C ASN C 126 1.82 -20.61 -12.36
N ILE C 127 2.40 -20.39 -11.18
CA ILE C 127 2.42 -19.05 -10.60
C ILE C 127 3.73 -18.31 -10.90
N ASP C 128 4.77 -19.02 -11.35
CA ASP C 128 6.04 -18.37 -11.64
C ASP C 128 5.91 -17.41 -12.82
N CYS C 129 4.96 -17.66 -13.71
CA CYS C 129 4.64 -16.73 -14.78
C CYS C 129 3.67 -15.64 -14.34
N LEU C 130 3.27 -15.66 -13.06
CA LEU C 130 2.41 -14.65 -12.47
C LEU C 130 1.02 -14.64 -13.11
N VAL C 131 0.48 -15.83 -13.36
CA VAL C 131 -0.85 -15.93 -13.93
C VAL C 131 -1.86 -15.64 -12.81
N SER C 132 -3.08 -15.27 -13.22
CA SER C 132 -4.13 -15.04 -12.23
C SER C 132 -4.35 -16.28 -11.38
N VAL C 133 -4.32 -16.11 -10.07
CA VAL C 133 -4.61 -17.19 -9.12
C VAL C 133 -5.85 -16.79 -8.33
N GLY C 134 -6.29 -17.65 -7.41
CA GLY C 134 -7.52 -17.35 -6.70
C GLY C 134 -7.82 -18.31 -5.57
N THR C 135 -8.69 -17.85 -4.67
CA THR C 135 -9.10 -18.58 -3.48
C THR C 135 -10.57 -18.95 -3.60
N ILE C 136 -10.87 -20.25 -3.54
CA ILE C 136 -12.21 -20.78 -3.73
C ILE C 136 -12.74 -21.25 -2.38
N PHE C 137 -14.03 -21.04 -2.13
CA PHE C 137 -14.60 -21.43 -0.83
C PHE C 137 -16.08 -21.77 -0.96
N GLY C 138 -16.56 -22.57 0.00
CA GLY C 138 -17.95 -22.98 0.08
C GLY C 138 -18.38 -23.33 1.50
N ILE C 139 -19.52 -22.80 1.93
CA ILE C 139 -19.95 -22.86 3.33
C ILE C 139 -21.19 -23.73 3.44
N TYR C 140 -21.06 -24.87 4.10
CA TYR C 140 -22.18 -25.73 4.48
C TYR C 140 -22.53 -25.51 5.95
N ARG C 141 -23.54 -26.22 6.42
CA ARG C 141 -23.97 -26.17 7.82
C ARG C 141 -24.09 -27.60 8.35
N LYS C 142 -23.51 -27.86 9.52
CA LYS C 142 -23.49 -29.22 10.05
C LYS C 142 -24.92 -29.71 10.30
N LYS C 143 -25.27 -30.84 9.68
CA LYS C 143 -26.59 -31.42 9.83
C LYS C 143 -26.62 -32.57 10.81
N SER C 144 -25.58 -33.40 10.82
CA SER C 144 -25.52 -34.51 11.77
C SER C 144 -25.53 -33.99 13.20
N THR C 145 -26.37 -34.60 14.03
CA THR C 145 -26.41 -34.34 15.46
C THR C 145 -25.15 -34.82 16.17
N ASP C 146 -24.22 -35.39 15.43
CA ASP C 146 -23.09 -36.16 15.96
C ASP C 146 -22.00 -35.23 16.49
N GLU C 147 -20.75 -35.72 16.53
CA GLU C 147 -19.65 -34.85 16.94
C GLU C 147 -18.89 -34.45 15.69
N PRO C 148 -18.50 -33.16 15.55
CA PRO C 148 -17.91 -32.69 14.28
C PRO C 148 -16.83 -33.60 13.70
N SER C 149 -16.96 -33.93 12.41
CA SER C 149 -16.12 -34.95 11.79
C SER C 149 -16.12 -34.74 10.28
N GLU C 150 -15.21 -35.47 9.61
CA GLU C 150 -15.09 -35.39 8.15
C GLU C 150 -16.44 -35.55 7.46
N LYS C 151 -17.29 -36.42 7.99
CA LYS C 151 -18.63 -36.64 7.42
C LYS C 151 -19.38 -35.34 7.18
N ASP C 152 -19.22 -34.36 8.06
CA ASP C 152 -20.01 -33.13 7.96
C ASP C 152 -19.69 -32.34 6.70
N ALA C 153 -18.56 -32.63 6.05
CA ALA C 153 -18.19 -31.94 4.82
C ALA C 153 -18.68 -32.65 3.57
N LEU C 154 -19.04 -33.93 3.67
CA LEU C 154 -19.44 -34.72 2.51
C LEU C 154 -20.90 -34.51 2.11
N GLN C 155 -21.36 -33.26 2.16
CA GLN C 155 -22.71 -32.93 1.70
C GLN C 155 -22.68 -32.60 0.21
N PRO C 156 -23.70 -32.98 -0.54
CA PRO C 156 -23.84 -32.49 -1.91
C PRO C 156 -23.81 -30.97 -1.92
N GLY C 157 -23.31 -30.40 -3.02
CA GLY C 157 -23.24 -28.95 -3.13
C GLY C 157 -24.58 -28.26 -2.95
N ARG C 158 -25.67 -29.00 -3.08
CA ARG C 158 -27.01 -28.41 -2.97
C ARG C 158 -27.22 -27.72 -1.63
N ASN C 159 -26.63 -28.26 -0.55
CA ASN C 159 -26.87 -27.78 0.80
C ASN C 159 -26.10 -26.51 1.13
N LEU C 160 -25.55 -25.83 0.12
CA LEU C 160 -24.61 -24.75 0.36
C LEU C 160 -25.33 -23.49 0.84
N VAL C 161 -24.80 -22.89 1.91
CA VAL C 161 -25.34 -21.62 2.37
C VAL C 161 -24.75 -20.47 1.57
N ALA C 162 -23.51 -20.59 1.15
CA ALA C 162 -22.76 -19.53 0.50
C ALA C 162 -21.51 -20.13 -0.14
N ALA C 163 -21.09 -19.56 -1.26
CA ALA C 163 -19.89 -19.99 -1.94
C ALA C 163 -19.33 -18.79 -2.72
N GLY C 164 -18.19 -18.99 -3.34
CA GLY C 164 -17.59 -17.95 -4.15
C GLY C 164 -16.08 -18.06 -4.18
N TYR C 165 -15.45 -17.01 -4.68
CA TYR C 165 -14.02 -17.06 -4.95
C TYR C 165 -13.45 -15.65 -4.92
N ALA C 166 -12.13 -15.58 -4.74
CA ALA C 166 -11.38 -14.32 -4.78
C ALA C 166 -10.40 -14.40 -5.93
N LEU C 167 -10.53 -13.48 -6.89
CA LEU C 167 -9.68 -13.47 -8.08
C LEU C 167 -8.54 -12.48 -7.88
N TYR C 168 -7.31 -12.96 -8.00
CA TYR C 168 -6.11 -12.14 -7.88
C TYR C 168 -5.50 -12.00 -9.27
N GLY C 169 -6.03 -11.06 -10.04
CA GLY C 169 -5.57 -10.84 -11.39
C GLY C 169 -5.16 -9.41 -11.68
N SER C 170 -5.75 -8.81 -12.70
CA SER C 170 -5.65 -7.37 -12.92
C SER C 170 -5.82 -6.61 -11.62
N ALA C 171 -6.89 -6.92 -10.89
CA ALA C 171 -7.10 -6.46 -9.53
C ALA C 171 -7.62 -7.65 -8.73
N THR C 172 -8.05 -7.39 -7.50
CA THR C 172 -8.62 -8.41 -6.65
C THR C 172 -10.12 -8.19 -6.52
N MET C 173 -10.89 -9.27 -6.72
CA MET C 173 -12.34 -9.24 -6.62
C MET C 173 -12.80 -10.43 -5.82
N LEU C 174 -13.69 -10.21 -4.86
CA LEU C 174 -14.36 -11.31 -4.17
C LEU C 174 -15.76 -11.48 -4.74
N VAL C 175 -16.01 -12.63 -5.34
CA VAL C 175 -17.32 -12.98 -5.87
C VAL C 175 -18.04 -13.83 -4.82
N LEU C 176 -19.20 -13.36 -4.38
CA LEU C 176 -19.93 -13.97 -3.26
C LEU C 176 -21.33 -14.37 -3.72
N ALA C 177 -21.57 -15.68 -3.79
CA ALA C 177 -22.86 -16.22 -4.18
C ALA C 177 -23.63 -16.67 -2.95
N MET C 178 -24.88 -16.26 -2.84
CA MET C 178 -25.81 -16.74 -1.82
C MET C 178 -27.21 -16.82 -2.44
N ASP C 179 -28.21 -17.07 -1.61
CA ASP C 179 -29.59 -17.07 -2.09
C ASP C 179 -30.13 -15.67 -2.36
N CYS C 180 -29.37 -14.63 -2.01
CA CYS C 180 -29.69 -13.27 -2.43
C CYS C 180 -28.97 -12.88 -3.71
N GLY C 181 -28.57 -13.87 -4.53
CA GLY C 181 -27.87 -13.60 -5.76
C GLY C 181 -26.36 -13.58 -5.59
N VAL C 182 -25.68 -13.47 -6.73
CA VAL C 182 -24.22 -13.38 -6.76
C VAL C 182 -23.83 -11.92 -6.76
N ASN C 183 -22.79 -11.59 -5.98
CA ASN C 183 -22.37 -10.20 -5.82
C ASN C 183 -20.85 -10.11 -5.90
N CYS C 184 -20.36 -9.11 -6.63
CA CYS C 184 -18.94 -8.92 -6.88
C CYS C 184 -18.43 -7.73 -6.10
N PHE C 185 -17.28 -7.90 -5.44
CA PHE C 185 -16.70 -6.90 -4.55
C PHE C 185 -15.25 -6.66 -4.97
N MET C 186 -14.92 -5.42 -5.29
CA MET C 186 -13.58 -5.05 -5.73
C MET C 186 -12.75 -4.57 -4.55
N LEU C 187 -11.54 -5.10 -4.41
CA LEU C 187 -10.66 -4.72 -3.32
C LEU C 187 -9.93 -3.43 -3.64
N ASP C 188 -10.04 -2.44 -2.74
CA ASP C 188 -9.38 -1.16 -2.85
C ASP C 188 -8.17 -1.17 -1.93
N PRO C 189 -6.96 -1.46 -2.44
CA PRO C 189 -5.80 -1.56 -1.55
C PRO C 189 -5.52 -0.31 -0.75
N ALA C 190 -6.01 0.85 -1.20
CA ALA C 190 -5.73 2.10 -0.50
C ALA C 190 -6.31 2.10 0.91
N ILE C 191 -7.44 1.42 1.11
CA ILE C 191 -8.09 1.36 2.41
C ILE C 191 -8.38 -0.06 2.88
N GLY C 192 -8.09 -1.07 2.06
CA GLY C 192 -8.38 -2.44 2.43
C GLY C 192 -9.86 -2.70 2.64
N GLU C 193 -10.67 -2.38 1.64
CA GLU C 193 -12.12 -2.51 1.71
C GLU C 193 -12.63 -3.11 0.41
N PHE C 194 -13.52 -4.10 0.52
CA PHE C 194 -14.11 -4.75 -0.64
C PHE C 194 -15.36 -3.97 -1.05
N ILE C 195 -15.29 -3.27 -2.18
CA ILE C 195 -16.33 -2.33 -2.60
C ILE C 195 -17.25 -3.04 -3.58
N LEU C 196 -18.55 -3.01 -3.29
CA LEU C 196 -19.54 -3.64 -4.17
C LEU C 196 -19.61 -2.89 -5.50
N VAL C 197 -19.33 -3.60 -6.59
CA VAL C 197 -19.28 -2.96 -7.91
C VAL C 197 -20.21 -3.61 -8.94
N ASP C 198 -20.61 -4.87 -8.77
CA ASP C 198 -21.64 -5.48 -9.61
C ASP C 198 -22.59 -6.27 -8.73
N LYS C 199 -23.88 -6.00 -8.89
CA LYS C 199 -24.92 -6.39 -7.94
C LYS C 199 -25.83 -7.44 -8.58
N ASP C 200 -26.15 -8.48 -7.81
CA ASP C 200 -27.09 -9.52 -8.22
C ASP C 200 -26.83 -9.97 -9.65
N VAL C 201 -25.57 -10.31 -9.93
CA VAL C 201 -25.15 -10.52 -11.30
C VAL C 201 -25.82 -11.76 -11.89
N LYS C 202 -25.92 -11.77 -13.22
CA LYS C 202 -26.55 -12.87 -13.94
C LYS C 202 -25.80 -13.06 -15.24
N ILE C 203 -25.79 -14.30 -15.73
CA ILE C 203 -24.95 -14.70 -16.87
C ILE C 203 -25.78 -14.66 -18.15
N LYS C 204 -25.11 -14.32 -19.26
CA LYS C 204 -25.74 -14.40 -20.58
C LYS C 204 -26.26 -15.81 -20.81
N LYS C 205 -27.40 -15.91 -21.48
CA LYS C 205 -27.98 -17.25 -21.67
C LYS C 205 -27.13 -18.07 -22.65
N LYS C 206 -26.43 -17.40 -23.57
CA LYS C 206 -25.54 -18.06 -24.50
C LYS C 206 -24.30 -17.19 -24.70
N GLY C 207 -23.17 -17.84 -24.98
CA GLY C 207 -21.91 -17.12 -25.11
C GLY C 207 -21.23 -17.27 -26.45
N LYS C 208 -19.99 -16.78 -26.55
CA LYS C 208 -19.22 -16.84 -27.78
C LYS C 208 -17.78 -17.28 -27.51
N ILE C 209 -17.53 -17.91 -26.36
CA ILE C 209 -16.18 -18.23 -25.89
C ILE C 209 -16.18 -19.65 -25.32
N TYR C 210 -15.15 -20.43 -25.64
CA TYR C 210 -15.01 -21.78 -25.11
C TYR C 210 -13.62 -21.98 -24.50
N SER C 211 -13.53 -22.87 -23.52
CA SER C 211 -12.36 -22.95 -22.64
C SER C 211 -12.13 -24.39 -22.20
N LEU C 212 -11.01 -24.98 -22.61
CA LEU C 212 -10.56 -26.28 -22.11
C LEU C 212 -9.14 -26.51 -22.60
N ASN C 213 -8.45 -27.45 -21.95
CA ASN C 213 -7.09 -27.83 -22.34
C ASN C 213 -7.18 -28.77 -23.53
N GLU C 214 -6.94 -28.25 -24.73
CA GLU C 214 -7.00 -29.06 -25.94
C GLU C 214 -5.76 -29.91 -26.16
N GLY C 215 -4.82 -29.91 -25.21
CA GLY C 215 -3.72 -30.85 -25.28
C GLY C 215 -4.15 -32.27 -24.99
N TYR C 216 -5.23 -32.43 -24.24
CA TYR C 216 -5.79 -33.74 -23.94
C TYR C 216 -6.74 -34.23 -25.02
N ALA C 217 -6.58 -33.73 -26.24
CA ALA C 217 -7.46 -34.09 -27.35
C ALA C 217 -7.40 -35.59 -27.64
N ARG C 218 -6.19 -36.16 -27.64
CA ARG C 218 -6.01 -37.59 -27.89
C ARG C 218 -6.83 -38.46 -26.95
N ASP C 219 -7.43 -37.87 -25.91
CA ASP C 219 -7.99 -38.63 -24.80
C ASP C 219 -9.42 -38.24 -24.47
N PHE C 220 -9.99 -37.25 -25.16
CA PHE C 220 -11.35 -36.77 -24.88
C PHE C 220 -12.42 -37.80 -25.21
N ASP C 221 -13.55 -37.65 -24.52
CA ASP C 221 -14.80 -38.27 -24.93
C ASP C 221 -15.06 -37.96 -26.40
N PRO C 222 -15.53 -38.92 -27.19
CA PRO C 222 -16.05 -38.58 -28.52
C PRO C 222 -17.08 -37.47 -28.48
N ALA C 223 -17.84 -37.37 -27.39
CA ALA C 223 -18.82 -36.31 -27.24
C ALA C 223 -18.13 -34.95 -27.16
N VAL C 224 -17.17 -34.82 -26.24
CA VAL C 224 -16.42 -33.57 -26.10
C VAL C 224 -15.79 -33.18 -27.44
N THR C 225 -15.18 -34.15 -28.11
CA THR C 225 -14.47 -33.86 -29.35
C THR C 225 -15.40 -33.31 -30.41
N GLU C 226 -16.63 -33.84 -30.49
CA GLU C 226 -17.62 -33.28 -31.41
C GLU C 226 -18.00 -31.85 -31.03
N TYR C 227 -18.29 -31.63 -29.74
CA TYR C 227 -18.75 -30.31 -29.30
C TYR C 227 -17.73 -29.23 -29.61
N ILE C 228 -16.44 -29.56 -29.57
CA ILE C 228 -15.41 -28.56 -29.83
C ILE C 228 -15.34 -28.24 -31.32
N GLN C 229 -15.29 -29.29 -32.15
CA GLN C 229 -15.59 -29.14 -33.58
C GLN C 229 -16.80 -28.26 -33.82
N ARG C 230 -17.90 -28.51 -33.10
CA ARG C 230 -19.13 -27.73 -33.28
C ARG C 230 -18.92 -26.25 -32.97
N LYS C 231 -17.95 -25.91 -32.14
CA LYS C 231 -17.64 -24.52 -31.87
C LYS C 231 -16.48 -24.00 -32.70
N LYS C 232 -15.52 -24.86 -33.04
CA LYS C 232 -14.40 -24.46 -33.89
C LYS C 232 -14.85 -24.34 -35.34
N PHE C 233 -15.55 -25.36 -35.85
CA PHE C 233 -16.21 -25.31 -37.15
C PHE C 233 -17.72 -25.36 -36.93
N PRO C 234 -18.41 -24.22 -36.94
CA PRO C 234 -19.83 -24.19 -36.53
C PRO C 234 -20.69 -25.11 -37.38
N PRO C 235 -21.84 -25.55 -36.85
CA PRO C 235 -22.75 -26.37 -37.65
C PRO C 235 -23.56 -25.54 -38.64
N ASP C 236 -24.13 -24.45 -38.13
CA ASP C 236 -24.95 -23.51 -38.91
C ASP C 236 -24.12 -22.49 -39.68
N ASN C 237 -23.00 -22.95 -40.26
CA ASN C 237 -21.93 -22.16 -40.86
C ASN C 237 -22.01 -20.67 -40.51
N SER C 238 -22.06 -20.39 -39.21
CA SER C 238 -22.11 -19.02 -38.71
C SER C 238 -20.72 -18.55 -38.33
N ALA C 239 -20.53 -18.23 -37.05
CA ALA C 239 -19.25 -17.73 -36.58
C ALA C 239 -18.67 -18.68 -35.53
N PRO C 240 -17.36 -18.87 -35.52
CA PRO C 240 -16.75 -19.73 -34.49
C PRO C 240 -16.71 -19.03 -33.14
N TYR C 241 -16.54 -19.84 -32.10
CA TYR C 241 -16.31 -19.33 -30.76
C TYR C 241 -14.85 -18.90 -30.62
N GLY C 242 -14.46 -18.51 -29.41
CA GLY C 242 -13.08 -18.14 -29.16
C GLY C 242 -12.44 -18.97 -28.06
N ALA C 243 -11.24 -19.49 -28.33
CA ALA C 243 -10.54 -20.28 -27.33
C ALA C 243 -9.92 -19.37 -26.27
N ARG C 244 -9.99 -19.82 -25.01
CA ARG C 244 -9.46 -19.05 -23.88
C ARG C 244 -9.19 -20.05 -22.75
N TYR C 245 -7.93 -20.44 -22.57
CA TYR C 245 -7.55 -21.30 -21.46
C TYR C 245 -6.39 -20.66 -20.71
N VAL C 246 -6.69 -20.14 -19.52
CA VAL C 246 -5.66 -19.59 -18.65
C VAL C 246 -4.92 -20.69 -17.91
N GLY C 247 -5.65 -21.67 -17.38
CA GLY C 247 -5.07 -22.67 -16.50
C GLY C 247 -5.31 -22.40 -15.04
N SER C 248 -6.14 -21.41 -14.71
CA SER C 248 -6.55 -21.10 -13.35
C SER C 248 -8.05 -21.04 -13.33
N MET C 249 -8.68 -21.93 -12.57
CA MET C 249 -10.13 -22.09 -12.67
C MET C 249 -10.83 -20.78 -12.32
N VAL C 250 -10.39 -20.13 -11.24
CA VAL C 250 -10.93 -18.84 -10.84
C VAL C 250 -10.89 -17.86 -12.01
N ALA C 251 -9.73 -17.74 -12.66
CA ALA C 251 -9.58 -16.79 -13.75
C ALA C 251 -10.49 -17.14 -14.92
N ASP C 252 -10.48 -18.40 -15.35
CA ASP C 252 -11.33 -18.82 -16.46
C ASP C 252 -12.80 -18.71 -16.10
N VAL C 253 -13.16 -19.12 -14.88
CA VAL C 253 -14.57 -19.11 -14.48
C VAL C 253 -15.08 -17.68 -14.35
N HIS C 254 -14.25 -16.77 -13.85
CA HIS C 254 -14.71 -15.38 -13.73
C HIS C 254 -14.92 -14.75 -15.09
N ARG C 255 -14.06 -15.06 -16.07
CA ARG C 255 -14.34 -14.63 -17.43
C ARG C 255 -15.68 -15.17 -17.88
N THR C 256 -15.97 -16.41 -17.53
CA THR C 256 -17.19 -17.08 -17.97
C THR C 256 -18.41 -16.54 -17.24
N LEU C 257 -18.22 -15.91 -16.07
CA LEU C 257 -19.31 -15.20 -15.41
C LEU C 257 -19.58 -13.85 -16.06
N VAL C 258 -18.53 -13.17 -16.52
CA VAL C 258 -18.63 -11.80 -16.98
C VAL C 258 -18.95 -11.75 -18.46
N TYR C 259 -18.08 -12.34 -19.28
CA TYR C 259 -18.27 -12.33 -20.72
C TYR C 259 -19.19 -13.44 -21.21
N GLY C 260 -19.41 -14.47 -20.40
CA GLY C 260 -20.20 -15.61 -20.82
C GLY C 260 -19.34 -16.66 -21.50
N GLY C 261 -20.01 -17.71 -21.94
CA GLY C 261 -19.35 -18.81 -22.60
C GLY C 261 -19.41 -20.09 -21.78
N ILE C 262 -18.47 -20.98 -22.06
CA ILE C 262 -18.44 -22.30 -21.43
C ILE C 262 -17.01 -22.62 -21.00
N PHE C 263 -16.91 -23.40 -19.93
CA PHE C 263 -15.65 -23.87 -19.39
C PHE C 263 -15.78 -25.37 -19.11
N LEU C 264 -14.83 -26.14 -19.58
CA LEU C 264 -14.88 -27.59 -19.46
C LEU C 264 -13.59 -28.05 -18.81
N TYR C 265 -13.67 -29.04 -17.93
CA TYR C 265 -12.48 -29.81 -17.59
C TYR C 265 -12.96 -31.25 -17.55
N PRO C 266 -13.18 -31.85 -18.72
CA PRO C 266 -13.82 -33.17 -18.78
C PRO C 266 -12.82 -34.30 -18.64
N ALA C 267 -13.36 -35.51 -18.52
CA ALA C 267 -12.55 -36.70 -18.28
C ALA C 267 -11.80 -37.09 -19.53
N ASN C 268 -10.46 -37.07 -19.45
CA ASN C 268 -9.61 -37.68 -20.45
C ASN C 268 -9.26 -39.12 -20.05
N LYS C 269 -8.00 -39.38 -19.67
CA LYS C 269 -7.59 -40.74 -19.33
C LYS C 269 -6.63 -40.76 -18.15
N LYS C 270 -5.57 -39.96 -18.23
CA LYS C 270 -4.75 -39.69 -17.05
C LYS C 270 -5.62 -39.29 -15.87
N SER C 271 -6.68 -38.53 -16.14
CA SER C 271 -7.76 -38.25 -15.19
C SER C 271 -9.06 -38.65 -15.84
N PRO C 272 -9.49 -39.92 -15.69
CA PRO C 272 -10.74 -40.37 -16.31
C PRO C 272 -11.99 -40.07 -15.50
N ASN C 273 -11.84 -39.42 -14.35
CA ASN C 273 -12.95 -38.94 -13.53
C ASN C 273 -12.75 -37.46 -13.25
N GLY C 274 -12.22 -36.73 -14.23
CA GLY C 274 -11.88 -35.34 -14.06
C GLY C 274 -10.64 -35.14 -13.21
N LYS C 275 -10.14 -33.91 -13.17
CA LYS C 275 -9.08 -33.50 -12.27
C LYS C 275 -9.55 -32.59 -11.16
N LEU C 276 -10.47 -31.67 -11.46
CA LEU C 276 -10.85 -30.64 -10.51
C LEU C 276 -11.65 -31.24 -9.35
N ARG C 277 -11.33 -30.81 -8.14
CA ARG C 277 -11.87 -31.41 -6.93
C ARG C 277 -13.31 -30.97 -6.72
N LEU C 278 -14.18 -31.90 -6.35
CA LEU C 278 -15.59 -31.57 -6.20
C LEU C 278 -15.84 -30.58 -5.07
N LEU C 279 -15.56 -30.97 -3.82
CA LEU C 279 -16.02 -30.18 -2.68
C LEU C 279 -15.46 -28.77 -2.66
N TYR C 280 -14.21 -28.58 -3.07
CA TYR C 280 -13.58 -27.28 -2.91
C TYR C 280 -13.11 -26.67 -4.23
N GLU C 281 -13.56 -27.19 -5.37
CA GLU C 281 -13.25 -26.55 -6.64
C GLU C 281 -14.51 -26.50 -7.51
N CYS C 282 -15.11 -27.66 -7.79
CA CYS C 282 -16.29 -27.70 -8.67
C CYS C 282 -17.55 -27.22 -7.97
N ASN C 283 -17.87 -27.79 -6.79
CA ASN C 283 -19.11 -27.42 -6.11
C ASN C 283 -19.23 -25.93 -5.84
N PRO C 284 -18.22 -25.23 -5.32
CA PRO C 284 -18.39 -23.77 -5.15
C PRO C 284 -18.70 -23.05 -6.44
N MET C 285 -18.00 -23.40 -7.52
CA MET C 285 -18.23 -22.73 -8.80
C MET C 285 -19.59 -23.08 -9.38
N ALA C 286 -20.07 -24.30 -9.14
CA ALA C 286 -21.41 -24.66 -9.56
C ALA C 286 -22.45 -23.76 -8.91
N TYR C 287 -22.34 -23.58 -7.59
CA TYR C 287 -23.28 -22.73 -6.87
C TYR C 287 -23.30 -21.31 -7.42
N VAL C 288 -22.13 -20.78 -7.77
CA VAL C 288 -22.06 -19.43 -8.35
C VAL C 288 -22.87 -19.38 -9.64
N MET C 289 -22.60 -20.30 -10.57
CA MET C 289 -23.28 -20.36 -11.85
C MET C 289 -24.79 -20.49 -11.68
N GLU C 290 -25.22 -21.61 -11.07
CA GLU C 290 -26.59 -21.83 -10.62
C GLU C 290 -27.28 -20.55 -10.18
N LYS C 291 -26.74 -19.89 -9.14
CA LYS C 291 -27.37 -18.69 -8.59
C LYS C 291 -27.41 -17.58 -9.62
N ALA C 292 -26.35 -17.42 -10.41
CA ALA C 292 -26.28 -16.38 -11.43
C ALA C 292 -26.93 -16.79 -12.74
N GLY C 293 -27.80 -17.81 -12.72
CA GLY C 293 -28.51 -18.20 -13.92
C GLY C 293 -27.73 -19.08 -14.87
N GLY C 294 -26.61 -19.64 -14.45
CA GLY C 294 -25.83 -20.54 -15.26
C GLY C 294 -26.17 -22.00 -14.99
N MET C 295 -25.30 -22.89 -15.49
CA MET C 295 -25.52 -24.32 -15.36
C MET C 295 -24.17 -25.00 -15.18
N ALA C 296 -24.17 -26.08 -14.40
CA ALA C 296 -22.92 -26.79 -14.08
C ALA C 296 -23.22 -28.28 -13.94
N THR C 297 -22.59 -29.10 -14.78
CA THR C 297 -22.90 -30.52 -14.87
C THR C 297 -21.61 -31.34 -14.94
N THR C 298 -21.76 -32.62 -14.60
CA THR C 298 -20.69 -33.60 -14.79
C THR C 298 -20.85 -34.37 -16.10
N GLY C 299 -21.82 -33.99 -16.94
CA GLY C 299 -22.26 -34.79 -18.05
C GLY C 299 -23.35 -35.78 -17.68
N LYS C 300 -23.36 -36.22 -16.43
CA LYS C 300 -24.38 -37.12 -15.90
C LYS C 300 -25.41 -36.35 -15.08
N GLU C 301 -24.93 -35.60 -14.09
CA GLU C 301 -25.73 -35.02 -13.03
C GLU C 301 -25.19 -33.64 -12.71
N ALA C 302 -26.02 -32.82 -12.08
CA ALA C 302 -25.56 -31.51 -11.67
C ALA C 302 -24.45 -31.65 -10.64
N VAL C 303 -23.43 -30.79 -10.75
CA VAL C 303 -22.30 -30.86 -9.83
C VAL C 303 -22.77 -30.67 -8.39
N LEU C 304 -23.76 -29.79 -8.19
CA LEU C 304 -24.34 -29.61 -6.86
C LEU C 304 -25.07 -30.85 -6.37
N ASP C 305 -25.43 -31.77 -7.27
CA ASP C 305 -26.20 -32.95 -6.91
C ASP C 305 -25.34 -34.20 -6.77
N VAL C 306 -24.03 -34.08 -6.81
CA VAL C 306 -23.13 -35.22 -6.66
C VAL C 306 -22.89 -35.45 -5.18
N ILE C 307 -23.32 -36.60 -4.67
CA ILE C 307 -23.08 -36.98 -3.28
C ILE C 307 -21.62 -37.36 -3.10
N PRO C 308 -20.88 -36.68 -2.24
CA PRO C 308 -19.45 -36.95 -2.11
C PRO C 308 -19.16 -38.12 -1.18
N THR C 309 -18.11 -38.86 -1.53
CA THR C 309 -17.60 -39.95 -0.70
C THR C 309 -16.30 -39.57 0.01
N ASP C 310 -15.41 -38.90 -0.70
CA ASP C 310 -14.10 -38.50 -0.19
C ASP C 310 -14.01 -36.98 -0.23
N ILE C 311 -13.27 -36.40 0.73
CA ILE C 311 -13.19 -34.93 0.75
C ILE C 311 -12.42 -34.41 -0.46
N HIS C 312 -11.46 -35.20 -0.98
CA HIS C 312 -10.64 -34.79 -2.10
C HIS C 312 -11.11 -35.40 -3.41
N GLN C 313 -12.39 -35.76 -3.48
CA GLN C 313 -12.95 -36.43 -4.65
C GLN C 313 -12.95 -35.52 -5.87
N ARG C 314 -12.51 -36.06 -7.01
CA ARG C 314 -12.47 -35.33 -8.27
C ARG C 314 -13.79 -35.51 -9.02
N ALA C 315 -14.04 -34.59 -9.96
CA ALA C 315 -15.28 -34.61 -10.71
C ALA C 315 -15.12 -33.91 -12.05
N PRO C 316 -15.65 -34.48 -13.13
CA PRO C 316 -15.72 -33.74 -14.39
C PRO C 316 -16.66 -32.56 -14.24
N VAL C 317 -16.22 -31.39 -14.70
CA VAL C 317 -17.00 -30.16 -14.56
C VAL C 317 -17.14 -29.49 -15.92
N ILE C 318 -18.37 -29.07 -16.23
CA ILE C 318 -18.71 -28.28 -17.41
C ILE C 318 -19.70 -27.22 -16.97
N LEU C 319 -19.31 -25.95 -17.07
CA LEU C 319 -20.09 -24.86 -16.53
C LEU C 319 -20.09 -23.68 -17.50
N GLY C 320 -21.06 -22.80 -17.34
CA GLY C 320 -21.09 -21.57 -18.10
C GLY C 320 -22.51 -21.16 -18.43
N SER C 321 -22.65 -20.44 -19.54
CA SER C 321 -23.95 -19.96 -20.00
C SER C 321 -24.89 -21.14 -20.20
N PRO C 322 -26.15 -21.05 -19.75
CA PRO C 322 -27.03 -22.23 -19.78
C PRO C 322 -27.21 -22.86 -21.15
N ASP C 323 -27.50 -22.07 -22.19
CA ASP C 323 -27.73 -22.65 -23.51
C ASP C 323 -26.50 -23.41 -24.01
N ASP C 324 -25.30 -22.94 -23.69
CA ASP C 324 -24.10 -23.66 -24.15
C ASP C 324 -23.88 -24.96 -23.38
N VAL C 325 -24.17 -24.97 -22.08
CA VAL C 325 -24.04 -26.22 -21.33
C VAL C 325 -25.06 -27.25 -21.83
N LEU C 326 -26.29 -26.79 -22.10
CA LEU C 326 -27.31 -27.68 -22.64
C LEU C 326 -26.88 -28.27 -23.98
N GLU C 327 -26.20 -27.47 -24.81
CA GLU C 327 -25.80 -27.93 -26.13
C GLU C 327 -24.76 -29.03 -26.04
N PHE C 328 -23.81 -28.92 -25.11
CA PHE C 328 -22.91 -30.02 -24.81
C PHE C 328 -23.69 -31.25 -24.36
N LEU C 329 -24.66 -31.05 -23.47
CA LEU C 329 -25.44 -32.16 -22.95
C LEU C 329 -26.22 -32.87 -24.06
N LYS C 330 -26.70 -32.12 -25.04
CA LYS C 330 -27.36 -32.76 -26.18
C LYS C 330 -26.41 -33.68 -26.92
N VAL C 331 -25.18 -33.22 -27.14
CA VAL C 331 -24.19 -34.05 -27.81
C VAL C 331 -23.80 -35.23 -26.94
N TYR C 332 -23.71 -35.03 -25.62
CA TYR C 332 -23.39 -36.13 -24.72
C TYR C 332 -24.43 -37.23 -24.79
N GLU C 333 -25.71 -36.86 -24.82
CA GLU C 333 -26.77 -37.87 -24.83
C GLU C 333 -26.74 -38.70 -26.11
N LYS C 334 -26.30 -38.09 -27.21
CA LYS C 334 -26.09 -38.86 -28.45
C LYS C 334 -25.08 -39.99 -28.22
N HIS C 335 -23.90 -39.64 -27.69
CA HIS C 335 -22.83 -40.62 -27.55
C HIS C 335 -22.99 -41.52 -26.34
N SER C 336 -23.89 -41.19 -25.42
CA SER C 336 -24.12 -42.02 -24.24
C SER C 336 -25.33 -42.93 -24.42
N ALA C 337 -25.66 -43.68 -23.38
N THR D 9 25.29 -12.00 -4.96
CA THR D 9 25.63 -10.60 -4.73
C THR D 9 24.49 -9.95 -3.93
N ASP D 10 24.13 -8.73 -4.28
CA ASP D 10 23.42 -7.83 -3.38
C ASP D 10 22.15 -7.31 -4.04
N VAL D 11 21.32 -6.66 -3.23
CA VAL D 11 20.07 -6.09 -3.73
C VAL D 11 20.37 -5.08 -4.84
N ASN D 12 19.45 -4.98 -5.79
CA ASN D 12 19.51 -3.96 -6.82
C ASN D 12 18.09 -3.57 -7.21
N THR D 13 17.89 -2.28 -7.43
CA THR D 13 16.63 -1.76 -7.91
C THR D 13 16.77 -1.40 -9.37
N LEU D 14 15.65 -1.41 -10.09
CA LEU D 14 15.64 -0.93 -11.46
C LEU D 14 16.29 0.44 -11.55
N THR D 15 16.18 1.23 -10.49
CA THR D 15 16.65 2.61 -10.54
C THR D 15 18.18 2.66 -10.60
N ARG D 16 18.87 1.88 -9.76
CA ARG D 16 20.33 1.86 -9.87
C ARG D 16 20.78 1.13 -11.12
N PHE D 17 20.24 -0.07 -11.35
CA PHE D 17 20.66 -0.88 -12.49
C PHE D 17 20.65 -0.05 -13.77
N VAL D 18 19.62 0.77 -13.94
CA VAL D 18 19.54 1.65 -15.10
C VAL D 18 20.63 2.73 -15.03
N MET D 19 20.78 3.41 -13.89
CA MET D 19 21.79 4.46 -13.82
C MET D 19 23.18 3.94 -13.46
N GLU D 20 23.31 2.65 -13.15
CA GLU D 20 24.63 2.03 -13.08
C GLU D 20 25.15 1.69 -14.46
N GLU D 21 24.32 0.98 -15.24
CA GLU D 21 24.73 0.55 -16.57
C GLU D 21 24.92 1.75 -17.50
N GLY D 22 24.14 2.81 -17.30
CA GLY D 22 24.26 4.05 -18.03
C GLY D 22 25.44 4.92 -17.65
N ARG D 23 26.22 4.48 -16.66
CA ARG D 23 27.49 5.10 -16.31
C ARG D 23 28.68 4.23 -16.67
N LYS D 24 28.49 2.91 -16.71
CA LYS D 24 29.48 1.97 -17.23
C LYS D 24 29.69 2.16 -18.72
N ALA D 25 28.94 3.09 -19.32
CA ALA D 25 29.08 3.41 -20.73
C ALA D 25 29.21 4.91 -20.95
N ARG D 26 29.74 5.63 -19.97
CA ARG D 26 29.65 7.08 -19.98
C ARG D 26 28.23 7.54 -20.29
N GLY D 27 27.91 7.76 -21.56
CA GLY D 27 26.52 7.95 -21.95
C GLY D 27 25.86 9.24 -21.49
N THR D 28 24.91 9.74 -22.29
CA THR D 28 24.26 11.02 -22.01
C THR D 28 23.49 10.97 -20.70
N GLY D 29 22.85 9.83 -20.40
CA GLY D 29 21.90 9.75 -19.33
C GLY D 29 20.46 9.83 -19.76
N GLU D 30 20.19 10.05 -21.06
CA GLU D 30 18.81 10.10 -21.53
C GLU D 30 18.15 8.74 -21.44
N LEU D 31 18.82 7.70 -21.94
CA LEU D 31 18.24 6.36 -21.85
C LEU D 31 17.91 6.01 -20.41
N THR D 32 18.84 6.28 -19.49
CA THR D 32 18.60 6.11 -18.06
C THR D 32 17.35 6.87 -17.62
N GLN D 33 17.16 8.08 -18.19
CA GLN D 33 16.20 9.07 -17.74
C GLN D 33 14.84 8.58 -18.16
N LEU D 34 14.78 8.18 -19.44
CA LEU D 34 13.66 7.54 -20.12
C LEU D 34 13.19 6.26 -19.42
N LEU D 35 14.14 5.38 -19.11
CA LEU D 35 13.81 4.13 -18.45
C LEU D 35 13.27 4.38 -17.06
N ASN D 36 13.72 5.46 -16.40
CA ASN D 36 13.15 5.84 -15.11
C ASN D 36 11.72 6.35 -15.29
N SER D 37 11.54 7.36 -16.13
CA SER D 37 10.22 7.92 -16.36
C SER D 37 9.23 6.87 -16.83
N LEU D 38 9.70 5.91 -17.62
CA LEU D 38 8.84 4.83 -18.09
C LEU D 38 8.44 3.92 -16.92
N CYS D 39 9.43 3.52 -16.13
CA CYS D 39 9.20 2.85 -14.84
C CYS D 39 8.17 3.55 -13.97
N THR D 40 8.34 4.85 -13.76
CA THR D 40 7.46 5.57 -12.85
C THR D 40 6.02 5.59 -13.36
N ALA D 41 5.85 5.67 -14.68
CA ALA D 41 4.51 5.49 -15.24
C ALA D 41 4.00 4.08 -15.01
N VAL D 42 4.89 3.08 -15.02
CA VAL D 42 4.48 1.69 -14.88
C VAL D 42 3.94 1.44 -13.48
N LYS D 43 4.59 1.98 -12.45
CA LYS D 43 4.06 1.87 -11.10
C LYS D 43 2.73 2.59 -10.98
N ALA D 44 2.60 3.74 -11.65
CA ALA D 44 1.34 4.46 -11.65
C ALA D 44 0.24 3.61 -12.26
N ILE D 45 0.52 3.00 -13.41
CA ILE D 45 -0.47 2.15 -14.06
C ILE D 45 -0.87 1.00 -13.13
N SER D 46 0.12 0.33 -12.54
CA SER D 46 -0.15 -0.78 -11.64
C SER D 46 -1.15 -0.40 -10.56
N SER D 47 -0.95 0.75 -9.92
CA SER D 47 -1.81 1.16 -8.81
C SER D 47 -3.23 1.44 -9.27
N ALA D 48 -3.39 1.97 -10.49
CA ALA D 48 -4.74 2.19 -11.02
C ALA D 48 -5.38 0.88 -11.44
N VAL D 49 -4.58 -0.04 -11.99
CA VAL D 49 -5.09 -1.34 -12.43
C VAL D 49 -5.49 -2.19 -11.23
N ARG D 50 -4.79 -2.04 -10.10
CA ARG D 50 -5.18 -2.71 -8.88
C ARG D 50 -6.41 -2.08 -8.23
N LYS D 51 -6.97 -1.04 -8.87
CA LYS D 51 -8.22 -0.39 -8.45
C LYS D 51 -8.06 0.28 -7.08
N ALA D 52 -6.98 1.04 -6.93
CA ALA D 52 -6.72 1.79 -5.71
C ALA D 52 -7.44 3.14 -5.78
N GLY D 53 -8.31 3.39 -4.81
CA GLY D 53 -9.14 4.57 -4.82
C GLY D 53 -10.47 4.38 -5.50
N ILE D 54 -10.79 3.14 -5.91
CA ILE D 54 -12.08 2.78 -6.51
C ILE D 54 -13.21 3.16 -5.57
N ALA D 55 -12.89 3.27 -4.28
CA ALA D 55 -13.90 3.64 -3.28
C ALA D 55 -14.32 5.09 -3.42
N HIS D 56 -13.40 5.97 -3.84
CA HIS D 56 -13.78 7.36 -4.07
C HIS D 56 -14.65 7.55 -5.31
N LEU D 57 -14.78 6.52 -6.14
CA LEU D 57 -15.75 6.50 -7.22
C LEU D 57 -17.12 6.01 -6.77
N TYR D 58 -17.26 5.54 -5.54
CA TYR D 58 -18.47 4.85 -5.11
C TYR D 58 -19.01 5.45 -3.81
N GLY D 59 -18.83 6.75 -3.62
CA GLY D 59 -19.52 7.45 -2.55
C GLY D 59 -18.88 7.37 -1.18
N ILE D 60 -17.57 7.16 -1.10
CA ILE D 60 -16.91 7.12 0.21
C ILE D 60 -16.93 8.50 0.86
N ALA D 61 -16.60 9.54 0.09
CA ALA D 61 -16.63 10.91 0.58
C ALA D 61 -17.84 11.67 0.07
N GLY D 62 -18.58 11.12 -0.89
CA GLY D 62 -19.84 11.72 -1.30
C GLY D 62 -19.89 12.22 -2.73
N SER D 63 -18.93 13.05 -3.12
CA SER D 63 -19.06 13.74 -4.40
C SER D 63 -17.70 14.13 -4.94
N THR D 64 -17.62 14.22 -6.27
CA THR D 64 -16.48 14.79 -6.98
C THR D 64 -16.96 15.53 -8.22
N ASP D 69 -10.60 13.54 -11.40
CA ASP D 69 -9.67 13.52 -12.51
C ASP D 69 -9.74 12.22 -13.32
N GLN D 70 -9.75 11.07 -12.64
CA GLN D 70 -9.59 9.78 -13.31
C GLN D 70 -10.89 8.99 -13.21
N VAL D 71 -11.89 9.44 -13.98
CA VAL D 71 -13.06 8.64 -14.30
C VAL D 71 -12.83 8.08 -15.70
N LYS D 72 -11.61 7.63 -15.94
CA LYS D 72 -11.05 7.31 -17.24
C LYS D 72 -11.09 5.80 -17.43
N LYS D 73 -11.15 5.35 -18.67
CA LYS D 73 -10.86 3.94 -18.92
C LYS D 73 -9.37 3.71 -18.70
N LEU D 74 -9.02 2.56 -18.14
CA LEU D 74 -7.65 2.33 -17.71
C LEU D 74 -6.66 2.39 -18.86
N ASP D 75 -7.07 1.95 -20.05
CA ASP D 75 -6.15 1.97 -21.19
C ASP D 75 -5.85 3.39 -21.64
N VAL D 76 -6.79 4.32 -21.44
CA VAL D 76 -6.54 5.72 -21.80
C VAL D 76 -5.64 6.37 -20.76
N LEU D 77 -5.99 6.24 -19.49
CA LEU D 77 -5.17 6.83 -18.43
C LEU D 77 -3.74 6.31 -18.48
N SER D 78 -3.57 5.04 -18.81
CA SER D 78 -2.23 4.48 -19.02
C SER D 78 -1.48 5.27 -20.09
N ASN D 79 -2.08 5.38 -21.28
CA ASN D 79 -1.48 6.15 -22.36
C ASN D 79 -1.07 7.54 -21.90
N ASP D 80 -2.01 8.27 -21.28
CA ASP D 80 -1.71 9.60 -20.79
C ASP D 80 -0.54 9.60 -19.81
N LEU D 81 -0.47 8.57 -18.95
CA LEU D 81 0.65 8.46 -18.02
C LEU D 81 1.97 8.28 -18.76
N VAL D 82 2.02 7.29 -19.66
CA VAL D 82 3.26 7.01 -20.38
C VAL D 82 3.68 8.21 -21.21
N MET D 83 2.72 8.81 -21.93
CA MET D 83 2.99 10.03 -22.69
C MET D 83 3.59 11.12 -21.82
N ASN D 84 2.84 11.56 -20.81
CA ASN D 84 3.26 12.69 -20.00
C ASN D 84 4.46 12.36 -19.11
N MET D 85 4.86 11.10 -19.04
CA MET D 85 6.13 10.76 -18.39
C MET D 85 7.27 10.78 -19.39
N LEU D 86 7.00 10.29 -20.60
CA LEU D 86 8.01 10.22 -21.66
C LEU D 86 8.39 11.61 -22.13
N LYS D 87 7.39 12.41 -22.54
CA LYS D 87 7.64 13.79 -22.96
C LYS D 87 8.47 14.53 -21.93
N SER D 88 8.08 14.43 -20.65
CA SER D 88 8.72 15.14 -19.57
C SER D 88 10.10 14.60 -19.22
N SER D 89 10.52 13.49 -19.83
CA SER D 89 11.85 12.96 -19.58
C SER D 89 12.94 13.77 -20.27
N PHE D 90 12.58 14.54 -21.31
CA PHE D 90 13.56 15.22 -22.16
C PHE D 90 14.48 14.20 -22.85
N ALA D 91 13.91 13.05 -23.21
CA ALA D 91 14.66 11.99 -23.86
C ALA D 91 13.96 11.43 -25.09
N THR D 92 12.84 12.03 -25.49
CA THR D 92 11.99 11.48 -26.54
C THR D 92 11.80 12.52 -27.64
N CYS D 93 11.70 12.06 -28.87
CA CYS D 93 11.36 12.92 -30.00
C CYS D 93 10.10 12.48 -30.71
N VAL D 94 9.90 11.18 -30.91
CA VAL D 94 8.71 10.64 -31.57
C VAL D 94 8.10 9.57 -30.66
N LEU D 95 6.78 9.59 -30.53
CA LEU D 95 6.06 8.69 -29.63
C LEU D 95 4.90 8.04 -30.37
N VAL D 96 4.91 6.71 -30.44
CA VAL D 96 3.87 5.94 -31.11
C VAL D 96 3.13 5.12 -30.07
N SER D 97 1.80 5.13 -30.15
CA SER D 97 0.95 4.39 -29.22
C SER D 97 -0.25 3.83 -29.96
N GLU D 98 -0.90 2.86 -29.33
CA GLU D 98 -2.08 2.22 -29.92
C GLU D 98 -3.28 3.17 -29.88
N GLU D 99 -3.53 3.77 -28.72
CA GLU D 99 -4.46 4.88 -28.54
C GLU D 99 -4.13 6.18 -29.29
N ASP D 100 -3.20 6.16 -30.24
CA ASP D 100 -2.91 7.34 -31.06
C ASP D 100 -2.70 6.94 -32.51
N LYS D 101 -3.56 7.48 -33.39
CA LYS D 101 -3.46 7.14 -34.82
C LYS D 101 -2.20 7.70 -35.46
N HIS D 102 -1.76 8.88 -35.04
CA HIS D 102 -0.55 9.48 -35.58
C HIS D 102 0.52 9.56 -34.51
N ALA D 103 1.78 9.51 -34.94
CA ALA D 103 2.90 9.63 -34.01
C ALA D 103 2.88 11.00 -33.35
N ILE D 104 3.22 11.02 -32.07
CA ILE D 104 3.24 12.26 -31.29
C ILE D 104 4.66 12.82 -31.34
N ILE D 105 4.81 13.98 -31.97
CA ILE D 105 6.09 14.67 -32.06
C ILE D 105 6.25 15.54 -30.81
N VAL D 106 7.27 15.26 -30.02
CA VAL D 106 7.47 15.99 -28.77
C VAL D 106 7.93 17.40 -29.07
N GLU D 107 7.29 18.37 -28.42
CA GLU D 107 7.63 19.79 -28.42
C GLU D 107 9.14 20.05 -28.35
N PRO D 108 9.62 21.06 -29.09
CA PRO D 108 11.07 21.27 -29.21
C PRO D 108 11.76 21.55 -27.88
N GLU D 109 11.02 21.94 -26.85
CA GLU D 109 11.64 22.21 -25.56
C GLU D 109 12.09 20.91 -24.90
N LYS D 110 11.27 19.86 -25.02
CA LYS D 110 11.48 18.59 -24.34
C LYS D 110 11.88 17.48 -25.31
N ARG D 111 12.63 17.81 -26.35
CA ARG D 111 13.04 16.80 -27.31
C ARG D 111 14.29 16.07 -26.85
N GLY D 112 14.43 14.83 -27.31
CA GLY D 112 15.57 14.01 -26.99
C GLY D 112 16.06 13.22 -28.19
N LYS D 113 16.66 12.06 -27.92
CA LYS D 113 17.27 11.25 -28.97
C LYS D 113 16.40 10.09 -29.40
N TYR D 114 15.61 9.52 -28.50
CA TYR D 114 15.05 8.19 -28.66
C TYR D 114 13.60 8.24 -29.15
N VAL D 115 13.24 7.26 -29.98
CA VAL D 115 11.87 7.06 -30.44
C VAL D 115 11.29 5.88 -29.68
N VAL D 116 10.12 6.06 -29.10
CA VAL D 116 9.48 5.05 -28.26
C VAL D 116 8.18 4.62 -28.91
N CYS D 117 7.97 3.31 -29.01
CA CYS D 117 6.72 2.73 -29.48
C CYS D 117 6.18 1.82 -28.39
N PHE D 118 4.92 2.04 -28.00
CA PHE D 118 4.41 1.33 -26.84
C PHE D 118 2.91 1.03 -26.97
N ASP D 119 2.51 -0.04 -26.28
CA ASP D 119 1.11 -0.40 -26.07
C ASP D 119 0.80 -0.19 -24.59
N PRO D 120 0.06 0.87 -24.22
CA PRO D 120 -0.07 1.20 -22.80
C PRO D 120 -0.65 0.10 -21.93
N LEU D 121 -1.80 -0.44 -22.31
CA LEU D 121 -2.46 -1.50 -21.54
C LEU D 121 -2.90 -2.57 -22.53
N ASP D 122 -2.09 -3.62 -22.67
CA ASP D 122 -2.35 -4.68 -23.64
C ASP D 122 -3.24 -5.74 -23.00
N GLY D 123 -4.32 -6.08 -23.69
CA GLY D 123 -5.31 -7.00 -23.17
C GLY D 123 -6.49 -6.34 -22.47
N SER D 124 -6.54 -5.01 -22.45
CA SER D 124 -7.58 -4.28 -21.74
C SER D 124 -8.96 -4.44 -22.37
N SER D 125 -9.07 -5.08 -23.53
CA SER D 125 -10.37 -5.36 -24.11
C SER D 125 -11.18 -6.32 -23.26
N ASN D 126 -10.52 -7.13 -22.44
CA ASN D 126 -11.18 -8.08 -21.55
C ASN D 126 -10.81 -7.80 -20.10
N ILE D 127 -10.45 -6.56 -19.78
CA ILE D 127 -10.10 -6.21 -18.42
C ILE D 127 -11.31 -6.24 -17.50
N ASP D 128 -12.51 -6.41 -18.09
CA ASP D 128 -13.71 -6.65 -17.28
C ASP D 128 -13.61 -7.95 -16.50
N CYS D 129 -13.09 -9.01 -17.12
CA CYS D 129 -12.89 -10.26 -16.41
C CYS D 129 -11.61 -10.27 -15.57
N LEU D 130 -10.99 -9.09 -15.42
CA LEU D 130 -9.82 -8.91 -14.56
C LEU D 130 -8.64 -9.75 -15.04
N VAL D 131 -8.51 -9.89 -16.35
CA VAL D 131 -7.42 -10.67 -16.90
C VAL D 131 -6.12 -9.88 -16.80
N SER D 132 -5.00 -10.59 -16.82
CA SER D 132 -3.70 -9.94 -16.79
C SER D 132 -3.54 -9.04 -18.00
N VAL D 133 -3.12 -7.80 -17.75
CA VAL D 133 -2.84 -6.83 -18.81
C VAL D 133 -1.40 -6.34 -18.62
N GLY D 134 -0.93 -5.50 -19.53
CA GLY D 134 0.46 -5.09 -19.45
C GLY D 134 0.79 -3.92 -20.35
N THR D 135 2.03 -3.45 -20.23
CA THR D 135 2.56 -2.32 -21.00
C THR D 135 3.77 -2.81 -21.78
N ILE D 136 3.66 -2.83 -23.11
CA ILE D 136 4.76 -3.23 -23.99
C ILE D 136 5.40 -1.97 -24.55
N PHE D 137 6.73 -1.89 -24.49
CA PHE D 137 7.46 -0.73 -24.99
C PHE D 137 8.62 -1.18 -25.86
N GLY D 138 9.15 -0.24 -26.63
CA GLY D 138 10.30 -0.48 -27.49
C GLY D 138 11.00 0.83 -27.85
N ILE D 139 12.29 0.92 -27.56
CA ILE D 139 13.03 2.18 -27.69
C ILE D 139 13.93 2.07 -28.91
N TYR D 140 13.66 2.90 -29.92
CA TYR D 140 14.60 3.13 -31.01
C TYR D 140 15.34 4.44 -30.80
N ARG D 141 16.21 4.77 -31.75
CA ARG D 141 16.94 6.02 -31.79
C ARG D 141 16.64 6.71 -33.12
N LYS D 142 16.60 8.04 -33.12
CA LYS D 142 16.44 8.74 -34.40
C LYS D 142 17.71 8.54 -35.22
N LYS D 143 17.60 7.81 -36.32
CA LYS D 143 18.70 7.73 -37.27
C LYS D 143 18.62 8.80 -38.33
N SER D 144 17.53 9.56 -38.35
CA SER D 144 17.31 10.55 -39.39
C SER D 144 18.02 11.86 -39.06
N THR D 145 18.39 12.57 -40.11
CA THR D 145 19.11 13.83 -40.02
C THR D 145 18.19 15.04 -40.03
N ASP D 146 16.88 14.81 -40.09
CA ASP D 146 15.87 15.81 -40.32
C ASP D 146 14.84 15.80 -39.18
N GLU D 147 13.94 16.78 -39.18
CA GLU D 147 13.07 17.00 -38.03
C GLU D 147 12.20 15.77 -37.77
N PRO D 148 11.76 15.57 -36.52
CA PRO D 148 11.06 14.33 -36.17
C PRO D 148 9.77 14.16 -36.94
N SER D 149 9.45 12.91 -37.25
CA SER D 149 8.22 12.60 -37.98
C SER D 149 7.85 11.15 -37.73
N GLU D 150 6.68 10.79 -38.25
CA GLU D 150 6.20 9.41 -38.22
C GLU D 150 7.11 8.46 -38.98
N LYS D 151 7.99 9.00 -39.84
CA LYS D 151 8.96 8.14 -40.53
C LYS D 151 9.94 7.54 -39.54
N ASP D 152 10.43 8.35 -38.60
CA ASP D 152 11.44 7.92 -37.65
C ASP D 152 11.02 6.68 -36.88
N ALA D 153 9.72 6.46 -36.70
CA ALA D 153 9.25 5.26 -36.01
C ALA D 153 9.34 4.03 -36.89
N LEU D 154 9.40 4.20 -38.22
CA LEU D 154 9.49 3.09 -39.15
C LEU D 154 10.92 2.57 -39.23
N GLN D 155 11.42 2.08 -38.08
CA GLN D 155 12.66 1.34 -38.15
C GLN D 155 12.41 -0.14 -37.94
N PRO D 156 13.19 -1.01 -38.56
CA PRO D 156 13.10 -2.44 -38.24
C PRO D 156 13.36 -2.67 -36.76
N GLY D 157 12.77 -3.75 -36.24
CA GLY D 157 13.02 -4.14 -34.86
C GLY D 157 14.47 -4.52 -34.58
N ARG D 158 15.27 -4.72 -35.62
CA ARG D 158 16.69 -4.99 -35.42
C ARG D 158 17.38 -3.82 -34.74
N ASN D 159 16.86 -2.60 -34.96
CA ASN D 159 17.47 -1.37 -34.48
C ASN D 159 16.94 -0.95 -33.10
N LEU D 160 16.62 -1.90 -32.23
CA LEU D 160 16.07 -1.60 -30.92
C LEU D 160 17.20 -1.40 -29.91
N VAL D 161 17.24 -0.20 -29.32
CA VAL D 161 18.15 0.05 -28.20
C VAL D 161 17.77 -0.81 -27.01
N ALA D 162 16.47 -0.87 -26.70
CA ALA D 162 15.96 -1.60 -25.56
C ALA D 162 14.49 -1.89 -25.80
N ALA D 163 13.99 -2.92 -25.13
CA ALA D 163 12.60 -3.32 -25.26
C ALA D 163 12.21 -4.13 -24.03
N GLY D 164 10.91 -4.32 -23.86
CA GLY D 164 10.43 -5.11 -22.74
C GLY D 164 8.96 -4.87 -22.48
N TYR D 165 8.54 -5.20 -21.27
CA TYR D 165 7.14 -5.07 -20.90
C TYR D 165 7.01 -5.02 -19.39
N ALA D 166 5.81 -4.65 -18.95
CA ALA D 166 5.42 -4.73 -17.54
C ALA D 166 4.14 -5.54 -17.46
N LEU D 167 4.18 -6.67 -16.77
CA LEU D 167 3.02 -7.53 -16.60
C LEU D 167 2.30 -7.17 -15.31
N TYR D 168 1.03 -6.80 -15.42
CA TYR D 168 0.19 -6.53 -14.26
C TYR D 168 -0.63 -7.79 -13.99
N GLY D 169 0.03 -8.80 -13.43
CA GLY D 169 -0.57 -10.11 -13.22
C GLY D 169 -0.83 -10.43 -11.76
N SER D 170 -0.53 -11.65 -11.33
CA SER D 170 -0.64 -11.96 -9.90
C SER D 170 0.25 -11.03 -9.09
N ALA D 171 1.36 -10.60 -9.68
CA ALA D 171 2.15 -9.48 -9.20
C ALA D 171 2.55 -8.66 -10.41
N THR D 172 3.13 -7.49 -10.17
CA THR D 172 3.59 -6.61 -11.23
C THR D 172 5.08 -6.84 -11.45
N MET D 173 5.46 -7.21 -12.68
CA MET D 173 6.84 -7.49 -13.04
C MET D 173 7.24 -6.69 -14.28
N LEU D 174 8.40 -6.04 -14.22
CA LEU D 174 9.00 -5.37 -15.35
C LEU D 174 10.11 -6.23 -15.94
N VAL D 175 10.01 -6.55 -17.21
CA VAL D 175 11.01 -7.30 -17.95
C VAL D 175 11.71 -6.35 -18.90
N LEU D 176 13.03 -6.27 -18.80
CA LEU D 176 13.83 -5.28 -19.53
C LEU D 176 14.90 -6.00 -20.33
N ALA D 177 14.80 -5.92 -21.66
CA ALA D 177 15.79 -6.48 -22.56
C ALA D 177 16.67 -5.36 -23.10
N MET D 178 17.99 -5.54 -22.99
CA MET D 178 18.97 -4.66 -23.60
C MET D 178 20.06 -5.54 -24.18
N ASP D 179 21.12 -4.93 -24.70
CA ASP D 179 22.26 -5.73 -25.14
C ASP D 179 22.90 -6.48 -23.97
N CYS D 180 22.68 -6.00 -22.75
CA CYS D 180 22.99 -6.78 -21.55
C CYS D 180 22.42 -8.19 -21.66
N GLY D 181 21.13 -8.28 -21.97
CA GLY D 181 20.30 -9.44 -21.84
C GLY D 181 19.01 -9.05 -21.15
N VAL D 182 18.22 -10.05 -20.77
CA VAL D 182 16.91 -9.83 -20.20
C VAL D 182 17.00 -9.87 -18.68
N ASN D 183 16.33 -8.93 -18.03
CA ASN D 183 16.47 -8.70 -16.60
C ASN D 183 15.08 -8.49 -16.00
N CYS D 184 14.69 -9.33 -15.05
CA CYS D 184 13.33 -9.32 -14.53
C CYS D 184 13.28 -8.63 -13.16
N PHE D 185 12.38 -7.65 -13.03
CA PHE D 185 12.20 -6.88 -11.81
C PHE D 185 10.77 -7.03 -11.31
N MET D 186 10.61 -7.29 -10.02
CA MET D 186 9.31 -7.38 -9.38
C MET D 186 9.04 -6.12 -8.56
N LEU D 187 7.86 -5.55 -8.74
CA LEU D 187 7.44 -4.39 -7.95
C LEU D 187 7.04 -4.84 -6.55
N ASP D 188 7.70 -4.27 -5.53
CA ASP D 188 7.28 -4.39 -4.15
C ASP D 188 6.29 -3.27 -3.87
N PRO D 189 4.98 -3.55 -3.88
CA PRO D 189 4.00 -2.48 -3.67
C PRO D 189 4.09 -1.84 -2.29
N ALA D 190 4.89 -2.40 -1.38
CA ALA D 190 5.13 -1.75 -0.10
C ALA D 190 6.05 -0.55 -0.26
N ILE D 191 7.25 -0.77 -0.80
CA ILE D 191 8.20 0.31 -0.92
C ILE D 191 8.08 1.06 -2.25
N GLY D 192 7.55 0.42 -3.29
CA GLY D 192 7.47 1.08 -4.58
C GLY D 192 8.75 1.03 -5.38
N GLU D 193 9.54 -0.03 -5.24
CA GLU D 193 10.72 -0.27 -6.04
C GLU D 193 10.55 -1.56 -6.81
N PHE D 194 11.07 -1.59 -8.04
CA PHE D 194 11.24 -2.85 -8.75
C PHE D 194 12.52 -3.52 -8.27
N ILE D 195 12.40 -4.74 -7.76
CA ILE D 195 13.52 -5.48 -7.20
C ILE D 195 14.01 -6.49 -8.23
N LEU D 196 15.31 -6.48 -8.50
CA LEU D 196 15.91 -7.39 -9.46
C LEU D 196 15.79 -8.84 -8.98
N VAL D 197 14.86 -9.60 -9.55
CA VAL D 197 14.60 -10.96 -9.11
C VAL D 197 15.33 -11.99 -9.98
N ASP D 198 15.35 -11.78 -11.31
CA ASP D 198 16.09 -12.65 -12.21
C ASP D 198 17.06 -11.81 -13.04
N LYS D 199 18.32 -12.26 -13.11
CA LYS D 199 19.35 -11.59 -13.89
C LYS D 199 19.70 -12.41 -15.13
N ASP D 200 20.05 -11.69 -16.21
CA ASP D 200 20.36 -12.24 -17.53
C ASP D 200 19.69 -13.57 -17.82
N VAL D 201 18.37 -13.56 -18.01
CA VAL D 201 17.64 -14.81 -18.14
C VAL D 201 17.78 -15.34 -19.56
N LYS D 202 17.66 -16.66 -19.69
CA LYS D 202 17.55 -17.32 -20.98
C LYS D 202 16.32 -18.21 -20.95
N ILE D 203 15.81 -18.53 -22.11
CA ILE D 203 14.58 -19.31 -22.22
C ILE D 203 14.93 -20.79 -22.30
N LYS D 204 14.03 -21.64 -21.80
CA LYS D 204 14.18 -23.08 -22.00
C LYS D 204 14.25 -23.39 -23.48
N LYS D 205 15.32 -24.07 -23.88
CA LYS D 205 15.59 -24.43 -25.27
C LYS D 205 14.39 -25.08 -25.96
N LYS D 206 13.68 -25.96 -25.25
CA LYS D 206 12.42 -26.53 -25.69
C LYS D 206 11.45 -26.60 -24.51
N GLY D 207 10.16 -26.48 -24.80
CA GLY D 207 9.14 -26.55 -23.78
C GLY D 207 8.02 -27.52 -24.07
N LYS D 208 6.92 -27.43 -23.31
CA LYS D 208 5.79 -28.34 -23.48
C LYS D 208 4.46 -27.58 -23.39
N ILE D 209 4.43 -26.34 -23.90
CA ILE D 209 3.23 -25.52 -23.97
C ILE D 209 3.10 -24.95 -25.38
N TYR D 210 1.87 -24.87 -25.87
CA TYR D 210 1.54 -24.19 -27.11
C TYR D 210 0.37 -23.24 -26.88
N SER D 211 0.43 -22.06 -27.49
CA SER D 211 -0.45 -20.96 -27.14
C SER D 211 -0.91 -20.24 -28.40
N LEU D 212 -2.19 -20.41 -28.74
CA LEU D 212 -2.79 -19.68 -29.85
C LEU D 212 -4.30 -19.76 -29.68
N ASN D 213 -5.00 -18.95 -30.47
CA ASN D 213 -6.46 -18.98 -30.49
C ASN D 213 -6.90 -20.04 -31.47
N GLU D 214 -7.26 -21.21 -30.97
CA GLU D 214 -7.75 -22.26 -31.84
C GLU D 214 -9.21 -22.08 -32.22
N GLY D 215 -9.85 -20.99 -31.79
CA GLY D 215 -11.16 -20.66 -32.32
C GLY D 215 -11.09 -20.25 -33.78
N TYR D 216 -9.93 -19.78 -34.23
CA TYR D 216 -9.68 -19.50 -35.63
C TYR D 216 -9.25 -20.74 -36.41
N ALA D 217 -9.66 -21.92 -35.94
CA ALA D 217 -9.29 -23.17 -36.57
C ALA D 217 -9.73 -23.22 -38.03
N ARG D 218 -10.88 -22.63 -38.32
CA ARG D 218 -11.42 -22.67 -39.68
C ARG D 218 -10.52 -21.92 -40.66
N ASP D 219 -9.83 -20.87 -40.20
CA ASP D 219 -9.04 -20.02 -41.07
C ASP D 219 -7.54 -20.28 -40.99
N PHE D 220 -7.11 -21.37 -40.35
CA PHE D 220 -5.69 -21.69 -40.29
C PHE D 220 -5.17 -22.26 -41.61
N ASP D 221 -4.14 -21.61 -42.13
CA ASP D 221 -3.34 -22.14 -43.23
C ASP D 221 -2.62 -23.42 -42.81
N PRO D 222 -2.24 -24.28 -43.77
CA PRO D 222 -1.81 -25.65 -43.42
C PRO D 222 -0.61 -25.71 -42.49
N ALA D 223 0.30 -24.75 -42.54
CA ALA D 223 1.47 -24.78 -41.67
C ALA D 223 1.06 -24.80 -40.20
N VAL D 224 0.17 -23.90 -39.79
CA VAL D 224 -0.33 -23.88 -38.43
C VAL D 224 -1.08 -25.18 -38.12
N THR D 225 -1.98 -25.58 -39.02
CA THR D 225 -2.88 -26.68 -38.71
C THR D 225 -2.12 -27.99 -38.51
N GLU D 226 -0.98 -28.15 -39.18
CA GLU D 226 -0.15 -29.33 -38.97
C GLU D 226 0.59 -29.27 -37.64
N TYR D 227 1.28 -28.16 -37.38
CA TYR D 227 2.05 -28.03 -36.14
C TYR D 227 1.20 -28.28 -34.90
N ILE D 228 -0.02 -27.74 -34.88
CA ILE D 228 -0.88 -27.89 -33.71
C ILE D 228 -1.23 -29.36 -33.50
N GLN D 229 -1.44 -30.09 -34.60
CA GLN D 229 -1.71 -31.52 -34.47
C GLN D 229 -0.48 -32.30 -34.06
N ARG D 230 0.72 -31.80 -34.42
CA ARG D 230 1.96 -32.37 -33.91
C ARG D 230 2.10 -32.22 -32.41
N LYS D 231 1.32 -31.34 -31.80
CA LYS D 231 1.42 -31.10 -30.37
C LYS D 231 0.36 -31.86 -29.60
N LYS D 232 -0.83 -31.96 -30.16
CA LYS D 232 -1.94 -32.70 -29.57
C LYS D 232 -1.78 -34.20 -29.82
N PHE D 233 -1.29 -34.56 -31.01
CA PHE D 233 -0.98 -35.95 -31.38
C PHE D 233 0.50 -36.00 -31.76
N PRO D 234 1.41 -36.08 -30.78
CA PRO D 234 2.84 -36.01 -31.07
C PRO D 234 3.26 -37.10 -32.06
N PRO D 235 4.13 -36.77 -33.01
CA PRO D 235 4.60 -37.81 -33.95
C PRO D 235 5.52 -38.82 -33.30
N ASP D 236 6.39 -38.39 -32.37
CA ASP D 236 7.39 -39.25 -31.77
C ASP D 236 6.87 -40.02 -30.56
N ASN D 237 5.56 -40.28 -30.51
CA ASN D 237 4.94 -41.10 -29.46
C ASN D 237 5.44 -40.69 -28.07
N SER D 238 5.39 -39.39 -27.78
CA SER D 238 6.04 -38.83 -26.61
C SER D 238 4.98 -38.43 -25.60
N ALA D 239 4.60 -37.15 -25.53
CA ALA D 239 3.60 -36.66 -24.59
C ALA D 239 3.05 -35.37 -25.15
N PRO D 240 1.73 -35.15 -25.12
CA PRO D 240 1.18 -33.94 -25.75
C PRO D 240 1.58 -32.67 -25.03
N TYR D 241 1.74 -31.61 -25.81
CA TYR D 241 1.96 -30.28 -25.26
C TYR D 241 0.66 -29.75 -24.64
N GLY D 242 0.81 -28.76 -23.76
CA GLY D 242 -0.33 -28.19 -23.04
C GLY D 242 -0.82 -26.91 -23.68
N ALA D 243 -2.15 -26.75 -23.69
CA ALA D 243 -2.81 -25.62 -24.35
C ALA D 243 -3.06 -24.51 -23.34
N ARG D 244 -2.56 -23.31 -23.64
CA ARG D 244 -2.59 -22.19 -22.70
C ARG D 244 -2.75 -20.90 -23.49
N TYR D 245 -3.89 -20.23 -23.37
CA TYR D 245 -4.11 -18.97 -24.08
C TYR D 245 -4.90 -18.03 -23.18
N VAL D 246 -4.20 -17.06 -22.59
CA VAL D 246 -4.85 -16.05 -21.75
C VAL D 246 -5.67 -15.09 -22.60
N GLY D 247 -5.23 -14.79 -23.81
CA GLY D 247 -5.85 -13.75 -24.60
C GLY D 247 -5.29 -12.37 -24.35
N SER D 248 -4.13 -12.28 -23.70
CA SER D 248 -3.42 -11.04 -23.47
C SER D 248 -1.94 -11.31 -23.74
N MET D 249 -1.35 -10.53 -24.64
CA MET D 249 -0.05 -10.91 -25.21
C MET D 249 1.04 -10.93 -24.14
N VAL D 250 1.14 -9.86 -23.35
CA VAL D 250 2.08 -9.79 -22.23
C VAL D 250 1.99 -11.03 -21.36
N ALA D 251 0.76 -11.53 -21.15
CA ALA D 251 0.57 -12.69 -20.30
C ALA D 251 1.15 -13.95 -20.94
N ASP D 252 0.74 -14.23 -22.18
CA ASP D 252 1.14 -15.48 -22.83
C ASP D 252 2.64 -15.45 -23.17
N VAL D 253 3.16 -14.30 -23.60
CA VAL D 253 4.57 -14.21 -23.96
C VAL D 253 5.45 -14.39 -22.73
N HIS D 254 5.02 -13.84 -21.59
CA HIS D 254 5.82 -13.96 -20.37
C HIS D 254 5.85 -15.39 -19.86
N ARG D 255 4.70 -16.08 -19.86
CA ARG D 255 4.69 -17.49 -19.51
C ARG D 255 5.65 -18.28 -20.39
N THR D 256 5.70 -17.95 -21.67
CA THR D 256 6.59 -18.62 -22.60
C THR D 256 8.05 -18.30 -22.28
N LEU D 257 8.31 -17.15 -21.67
CA LEU D 257 9.68 -16.83 -21.25
C LEU D 257 10.07 -17.64 -20.02
N VAL D 258 9.14 -17.79 -19.07
CA VAL D 258 9.47 -18.45 -17.81
C VAL D 258 9.44 -19.97 -17.96
N TYR D 259 8.34 -20.50 -18.48
CA TYR D 259 8.17 -21.94 -18.60
C TYR D 259 8.75 -22.53 -19.87
N GLY D 260 9.01 -21.69 -20.87
CA GLY D 260 9.31 -22.18 -22.20
C GLY D 260 8.03 -22.55 -22.94
N GLY D 261 8.20 -22.86 -24.23
CA GLY D 261 7.07 -23.19 -25.08
C GLY D 261 7.03 -22.30 -26.31
N ILE D 262 5.81 -22.06 -26.79
CA ILE D 262 5.64 -21.33 -28.05
C ILE D 262 4.33 -20.55 -28.00
N PHE D 263 4.34 -19.40 -28.68
CA PHE D 263 3.19 -18.51 -28.80
C PHE D 263 3.00 -18.14 -30.26
N LEU D 264 1.77 -18.24 -30.75
CA LEU D 264 1.49 -18.09 -32.17
C LEU D 264 0.28 -17.19 -32.32
N TYR D 265 0.35 -16.20 -33.21
CA TYR D 265 -0.86 -15.48 -33.60
C TYR D 265 -0.70 -15.26 -35.10
N PRO D 266 -1.15 -16.21 -35.92
CA PRO D 266 -0.74 -16.22 -37.33
C PRO D 266 -1.72 -15.59 -38.30
N ALA D 267 -1.59 -15.99 -39.57
CA ALA D 267 -2.44 -15.49 -40.64
C ALA D 267 -3.81 -16.15 -40.60
N ASN D 268 -4.86 -15.34 -40.67
CA ASN D 268 -6.22 -15.84 -40.76
C ASN D 268 -6.89 -15.39 -42.04
N LYS D 269 -8.22 -15.46 -42.07
CA LYS D 269 -9.02 -14.78 -43.08
C LYS D 269 -9.44 -13.39 -42.59
N LYS D 270 -9.91 -13.31 -41.33
CA LYS D 270 -10.35 -12.03 -40.79
C LYS D 270 -9.22 -11.01 -40.79
N SER D 271 -8.03 -11.42 -40.34
CA SER D 271 -6.84 -10.59 -40.37
C SER D 271 -5.73 -11.41 -41.03
N PRO D 272 -5.56 -11.26 -42.35
CA PRO D 272 -4.63 -12.14 -43.08
C PRO D 272 -3.16 -11.77 -42.90
N ASN D 273 -2.87 -10.59 -42.39
CA ASN D 273 -1.51 -10.13 -42.24
C ASN D 273 -1.20 -10.01 -40.75
N GLY D 274 -1.70 -10.95 -39.98
CA GLY D 274 -1.62 -10.92 -38.54
C GLY D 274 -2.60 -9.93 -37.95
N LYS D 275 -2.71 -9.97 -36.62
CA LYS D 275 -3.33 -8.92 -35.81
C LYS D 275 -2.31 -8.12 -35.04
N LEU D 276 -1.42 -8.80 -34.31
CA LEU D 276 -0.57 -8.14 -33.34
C LEU D 276 0.29 -7.08 -34.03
N ARG D 277 0.30 -5.90 -33.43
CA ARG D 277 0.97 -4.76 -34.04
C ARG D 277 2.49 -4.98 -34.05
N LEU D 278 3.14 -4.46 -35.10
CA LEU D 278 4.56 -4.74 -35.26
C LEU D 278 5.42 -3.83 -34.41
N LEU D 279 5.24 -2.51 -34.50
CA LEU D 279 6.16 -1.61 -33.82
C LEU D 279 6.02 -1.66 -32.30
N TYR D 280 4.83 -1.93 -31.76
CA TYR D 280 4.67 -1.83 -30.31
C TYR D 280 4.09 -3.09 -29.68
N GLU D 281 4.19 -4.24 -30.35
CA GLU D 281 3.81 -5.51 -29.74
C GLU D 281 4.78 -6.61 -30.18
N CYS D 282 4.81 -6.87 -31.48
CA CYS D 282 5.61 -7.97 -32.02
C CYS D 282 7.10 -7.71 -31.84
N ASN D 283 7.60 -6.65 -32.48
CA ASN D 283 9.02 -6.31 -32.39
C ASN D 283 9.56 -6.29 -30.96
N PRO D 284 8.92 -5.63 -29.99
CA PRO D 284 9.48 -5.64 -28.63
C PRO D 284 9.55 -7.02 -28.01
N MET D 285 8.53 -7.85 -28.20
CA MET D 285 8.57 -9.20 -27.65
C MET D 285 9.58 -10.07 -28.40
N ALA D 286 9.86 -9.75 -29.66
CA ALA D 286 10.91 -10.45 -30.40
C ALA D 286 12.28 -10.09 -29.85
N TYR D 287 12.49 -8.82 -29.52
CA TYR D 287 13.76 -8.39 -28.94
C TYR D 287 13.98 -9.08 -27.60
N VAL D 288 12.94 -9.11 -26.75
CA VAL D 288 12.99 -9.86 -25.50
C VAL D 288 13.36 -11.31 -25.78
N MET D 289 12.66 -11.94 -26.73
CA MET D 289 12.85 -13.36 -26.99
C MET D 289 14.24 -13.63 -27.56
N GLU D 290 14.65 -12.85 -28.55
CA GLU D 290 15.96 -13.08 -29.18
C GLU D 290 17.10 -12.80 -28.20
N LYS D 291 17.00 -11.69 -27.46
CA LYS D 291 18.00 -11.38 -26.43
C LYS D 291 18.01 -12.39 -25.29
N ALA D 292 17.01 -13.24 -25.18
CA ALA D 292 16.96 -14.28 -24.15
C ALA D 292 17.20 -15.67 -24.71
N GLY D 293 17.67 -15.78 -25.95
CA GLY D 293 17.94 -17.07 -26.55
C GLY D 293 16.76 -17.72 -27.24
N GLY D 294 15.68 -16.97 -27.48
CA GLY D 294 14.53 -17.49 -28.19
C GLY D 294 14.46 -16.97 -29.62
N MET D 295 13.38 -17.33 -30.30
CA MET D 295 13.17 -16.94 -31.68
C MET D 295 11.79 -16.33 -31.84
N ALA D 296 11.68 -15.44 -32.82
CA ALA D 296 10.41 -14.81 -33.17
C ALA D 296 10.39 -14.60 -34.67
N THR D 297 9.44 -15.23 -35.35
CA THR D 297 9.39 -15.24 -36.80
C THR D 297 7.99 -14.87 -37.27
N THR D 298 7.93 -14.29 -38.46
CA THR D 298 6.67 -14.07 -39.16
C THR D 298 6.27 -15.26 -40.01
N GLY D 299 7.08 -16.30 -40.03
CA GLY D 299 6.95 -17.39 -40.99
C GLY D 299 7.75 -17.10 -42.23
N LYS D 300 7.60 -15.90 -42.79
CA LYS D 300 8.34 -15.50 -43.98
C LYS D 300 9.78 -15.19 -43.59
N GLU D 301 9.99 -14.05 -42.95
CA GLU D 301 11.27 -13.68 -42.35
C GLU D 301 11.12 -13.68 -40.83
N ALA D 302 12.15 -13.21 -40.15
CA ALA D 302 12.10 -13.01 -38.71
C ALA D 302 11.47 -11.65 -38.40
N VAL D 303 10.78 -11.58 -37.26
CA VAL D 303 10.01 -10.39 -36.90
C VAL D 303 10.90 -9.16 -36.89
N LEU D 304 12.08 -9.27 -36.29
CA LEU D 304 12.99 -8.14 -36.18
C LEU D 304 13.45 -7.64 -37.55
N ASP D 305 13.41 -8.51 -38.56
CA ASP D 305 13.87 -8.15 -39.90
C ASP D 305 12.79 -7.48 -40.75
N VAL D 306 11.55 -7.38 -40.24
CA VAL D 306 10.45 -6.81 -41.01
C VAL D 306 10.63 -5.30 -41.08
N ILE D 307 10.37 -4.73 -42.26
CA ILE D 307 10.70 -3.33 -42.55
C ILE D 307 9.39 -2.56 -42.55
N PRO D 308 9.14 -1.69 -41.57
CA PRO D 308 7.82 -1.04 -41.48
C PRO D 308 7.56 -0.05 -42.61
N THR D 309 6.32 -0.05 -43.09
CA THR D 309 5.82 0.98 -43.99
C THR D 309 4.75 1.86 -43.35
N ASP D 310 4.17 1.41 -42.24
CA ASP D 310 3.13 2.13 -41.52
C ASP D 310 3.36 1.90 -40.03
N ILE D 311 2.95 2.86 -39.20
CA ILE D 311 3.22 2.73 -37.77
C ILE D 311 2.31 1.68 -37.13
N HIS D 312 1.04 1.67 -37.51
CA HIS D 312 0.11 0.68 -36.99
C HIS D 312 0.04 -0.57 -37.87
N GLN D 313 1.17 -0.95 -38.46
CA GLN D 313 1.26 -2.17 -39.25
C GLN D 313 1.13 -3.42 -38.39
N ARG D 314 0.34 -4.36 -38.88
CA ARG D 314 0.17 -5.66 -38.24
C ARG D 314 1.24 -6.63 -38.73
N ALA D 315 1.29 -7.81 -38.10
CA ALA D 315 2.28 -8.81 -38.45
C ALA D 315 1.95 -10.17 -37.85
N PRO D 316 2.12 -11.27 -38.60
CA PRO D 316 2.07 -12.59 -37.97
C PRO D 316 3.30 -12.81 -37.12
N VAL D 317 3.11 -13.45 -35.96
CA VAL D 317 4.19 -13.66 -35.02
C VAL D 317 4.14 -15.08 -34.47
N ILE D 318 5.30 -15.73 -34.43
CA ILE D 318 5.49 -17.04 -33.81
C ILE D 318 6.78 -17.01 -33.01
N LEU D 319 6.66 -16.80 -31.70
CA LEU D 319 7.81 -16.67 -30.82
C LEU D 319 7.81 -17.80 -29.80
N GLY D 320 8.96 -17.97 -29.15
CA GLY D 320 9.08 -18.96 -28.09
C GLY D 320 10.44 -19.61 -28.10
N SER D 321 10.47 -20.82 -27.54
CA SER D 321 11.71 -21.57 -27.37
C SER D 321 12.34 -21.88 -28.73
N PRO D 322 13.68 -21.92 -28.82
CA PRO D 322 14.34 -22.14 -30.12
C PRO D 322 13.93 -23.42 -30.82
N ASP D 323 14.13 -24.58 -30.17
CA ASP D 323 13.72 -25.85 -30.78
C ASP D 323 12.26 -25.83 -31.22
N ASP D 324 11.40 -25.23 -30.40
CA ASP D 324 9.97 -25.20 -30.72
C ASP D 324 9.69 -24.36 -31.95
N VAL D 325 10.25 -23.16 -32.01
CA VAL D 325 10.02 -22.27 -33.15
C VAL D 325 10.53 -22.91 -34.43
N LEU D 326 11.68 -23.58 -34.36
CA LEU D 326 12.26 -24.19 -35.54
C LEU D 326 11.45 -25.39 -36.01
N GLU D 327 10.87 -26.15 -35.08
CA GLU D 327 9.98 -27.24 -35.44
C GLU D 327 8.84 -26.74 -36.31
N PHE D 328 8.17 -25.66 -35.87
CA PHE D 328 7.14 -25.03 -36.68
C PHE D 328 7.69 -24.57 -38.02
N LEU D 329 8.87 -23.95 -38.02
CA LEU D 329 9.42 -23.35 -39.23
C LEU D 329 9.65 -24.40 -40.32
N LYS D 330 10.03 -25.62 -39.92
CA LYS D 330 10.17 -26.69 -40.90
C LYS D 330 8.83 -27.00 -41.54
N VAL D 331 7.75 -26.90 -40.75
CA VAL D 331 6.40 -27.19 -41.26
C VAL D 331 5.94 -26.10 -42.20
N TYR D 332 6.23 -24.83 -41.88
CA TYR D 332 5.92 -23.76 -42.82
C TYR D 332 6.78 -23.88 -44.07
N GLU D 333 8.03 -24.33 -43.91
CA GLU D 333 8.92 -24.49 -45.05
C GLU D 333 8.47 -25.60 -45.98
N LYS D 334 7.55 -26.45 -45.54
CA LYS D 334 6.92 -27.43 -46.43
C LYS D 334 5.79 -26.83 -47.26
N HIS D 335 5.39 -25.58 -47.00
CA HIS D 335 4.16 -25.02 -47.58
C HIS D 335 4.45 -23.57 -47.95
N SER D 336 4.95 -23.35 -49.17
CA SER D 336 5.23 -21.98 -49.63
C SER D 336 5.47 -21.86 -51.12
N ALA D 337 6.39 -20.97 -51.50
#